data_3U9P
#
_entry.id   3U9P
#
_cell.length_a   82.133
_cell.length_b   124.091
_cell.length_c   147.487
_cell.angle_alpha   90.000
_cell.angle_beta   90.000
_cell.angle_gamma   90.000
#
_symmetry.space_group_name_H-M   'P 21 21 21'
#
loop_
_entity.id
_entity.type
_entity.pdbx_description
1 polymer 'Neutrophil gelatinase-associated lipocalin'
2 polymer 'Monoclonal Fab Fragment Heavy Chain'
3 polymer 'Monoclonal Fab Fragment Light Chain'
4 water water
#
loop_
_entity_poly.entity_id
_entity_poly.type
_entity_poly.pdbx_seq_one_letter_code
_entity_poly.pdbx_strand_id
1 'polypeptide(L)'
;GSQDSTQNLIPAPSLLTVPLQPDFRSDQFRGRWYVVGLAGNAVQKKTEGSFTMYSTIYELQENNSYNVTSILVRDQDQGC
RYWIRTFVPSSRAGQFTLGNMHRYPQVQSYNVQVATTDYNQFAMVFFRKTSENKQYFKITLYGRTKELSPELKERFTRFA
KSLGLKDDNIIFSVPTDQCIDN
;
C,D
2 'polypeptide(L)'
;EVKLQESGPSLVQPSQTLSLTCTVSGFSLTSNSVHWVRQPPGQGLEWMGGIWGDGRTDYNSALKSRLSISRDTSKSQVFL
KMNSLQTDDTAIYFCTRCRRDSSYVVDAWGQGASVTVSSAKTTPKLVYPLAPGCGDTTSSTVTLGCLVKGYFPEPVTVTW
NSGALSSDVHTFPAVLQSGLYTLTSSVTSSTWPSQTVTCNVAHPASSTKVDKKLER
;
H,K
3 'polypeptide(L)'
;DILMTQSPLSLSASLGDKVTITCQASQIIYNYIAWYQQKPGKAPRLLIRYTSTLESGTPSRFSGSGSGRDYSFSISNVES
EDIASYYCLQYDNLPYMFGAGTKLELKRADAAPTVSIFPPSSEQLATGGASVVCFVNNFYPRDISVKWKIDGTERRDGVL
DSVTDQDSKDSTYSMSSTLSLTKVDYERHNLYTCEVVHKTSSSPVVKSFNRN
;
L,M
#
# COMPACT_ATOMS: atom_id res chain seq x y z
N LEU A 9 -1.25 37.81 -13.77
CA LEU A 9 -1.47 38.76 -12.62
C LEU A 9 -0.93 38.16 -11.31
N ILE A 10 -0.20 38.98 -10.54
CA ILE A 10 0.42 38.50 -9.29
C ILE A 10 -0.66 38.13 -8.29
N PRO A 11 -0.45 37.06 -7.51
CA PRO A 11 -1.50 36.58 -6.63
C PRO A 11 -1.74 37.45 -5.41
N ALA A 12 -3.02 37.63 -5.08
CA ALA A 12 -3.45 38.34 -3.86
C ALA A 12 -2.90 37.77 -2.51
N PRO A 13 -2.35 38.66 -1.67
CA PRO A 13 -2.00 38.23 -0.33
C PRO A 13 -3.23 37.97 0.54
N SER A 14 -3.05 37.15 1.57
CA SER A 14 -4.08 36.89 2.56
C SER A 14 -4.19 38.08 3.49
N LEU A 15 -5.30 38.16 4.21
CA LEU A 15 -5.54 39.23 5.18
C LEU A 15 -4.75 39.02 6.43
N LEU A 16 -4.26 37.80 6.67
CA LEU A 16 -3.32 37.56 7.76
C LEU A 16 -1.90 38.08 7.45
N THR A 17 -1.50 38.07 6.17
CA THR A 17 -0.15 38.49 5.81
C THR A 17 -0.12 39.99 5.63
N VAL A 18 -1.17 40.56 5.05
CA VAL A 18 -1.27 42.03 4.98
C VAL A 18 -1.41 42.58 6.41
N PRO A 19 -0.56 43.54 6.77
CA PRO A 19 -0.65 44.10 8.12
C PRO A 19 -2.00 44.73 8.46
N LEU A 20 -2.21 44.94 9.76
CA LEU A 20 -3.44 45.49 10.27
C LEU A 20 -3.10 46.54 11.30
N GLN A 21 -3.39 47.80 11.01
CA GLN A 21 -3.17 48.85 11.98
C GLN A 21 -3.76 48.35 13.31
N PRO A 22 -2.92 48.26 14.37
CA PRO A 22 -3.39 47.78 15.67
C PRO A 22 -4.29 48.75 16.40
N ASP A 23 -5.11 48.23 17.31
CA ASP A 23 -6.20 48.99 17.95
C ASP A 23 -6.68 50.08 17.01
N PHE A 24 -7.10 49.68 15.81
CA PHE A 24 -7.55 50.63 14.82
C PHE A 24 -8.70 51.41 15.41
N ARG A 25 -8.70 52.72 15.18
CA ARG A 25 -9.70 53.59 15.78
C ARG A 25 -10.53 54.32 14.70
N SER A 26 -11.74 53.83 14.49
CA SER A 26 -12.67 54.38 13.50
C SER A 26 -12.75 55.93 13.57
N ASP A 27 -12.83 56.42 14.80
CA ASP A 27 -12.97 57.85 15.09
C ASP A 27 -11.88 58.69 14.43
N GLN A 28 -10.62 58.30 14.61
CA GLN A 28 -9.51 59.11 14.08
C GLN A 28 -9.27 58.91 12.57
N PHE A 29 -9.66 57.76 12.01
CA PHE A 29 -9.47 57.51 10.58
C PHE A 29 -10.48 58.24 9.67
N ARG A 30 -11.68 58.49 10.19
CA ARG A 30 -12.74 59.17 9.45
C ARG A 30 -12.27 60.48 8.85
N GLY A 31 -13.05 61.02 7.92
CA GLY A 31 -12.76 62.31 7.34
C GLY A 31 -12.15 62.23 5.96
N ARG A 32 -11.52 63.33 5.56
CA ARG A 32 -11.00 63.47 4.22
C ARG A 32 -9.60 62.86 4.10
N TRP A 33 -9.43 62.00 3.11
CA TRP A 33 -8.12 61.48 2.73
C TRP A 33 -7.88 61.77 1.25
N TYR A 34 -6.65 62.17 0.93
CA TYR A 34 -6.23 62.39 -0.45
C TYR A 34 -5.33 61.24 -0.88
N VAL A 35 -5.60 60.69 -2.07
CA VAL A 35 -4.82 59.57 -2.60
C VAL A 35 -3.51 60.06 -3.23
N VAL A 36 -2.46 60.07 -2.42
CA VAL A 36 -1.13 60.53 -2.86
C VAL A 36 -0.47 59.58 -3.86
N GLY A 37 -0.61 58.28 -3.62
CA GLY A 37 -0.01 57.26 -4.48
C GLY A 37 -0.83 56.00 -4.42
N LEU A 38 -0.76 55.21 -5.49
CA LEU A 38 -1.46 53.93 -5.55
C LEU A 38 -0.51 52.91 -6.16
N ALA A 39 -0.62 51.67 -5.73
CA ALA A 39 0.27 50.61 -6.17
C ALA A 39 -0.47 49.29 -6.12
N GLY A 40 -0.41 48.52 -7.19
CA GLY A 40 -1.22 47.29 -7.27
C GLY A 40 -0.94 46.45 -8.48
N ASN A 41 -1.49 45.23 -8.48
CA ASN A 41 -1.10 44.20 -9.44
C ASN A 41 -1.64 44.39 -10.86
N ALA A 42 -2.61 45.29 -11.06
CA ALA A 42 -3.05 45.65 -12.42
C ALA A 42 -2.47 46.99 -12.93
N VAL A 43 -1.57 47.63 -12.16
CA VAL A 43 -1.02 48.96 -12.48
C VAL A 43 0.25 48.92 -13.37
N GLN A 44 0.32 49.79 -14.39
CA GLN A 44 1.45 49.82 -15.33
C GLN A 44 2.00 51.22 -15.60
N LYS A 45 3.05 51.63 -14.89
CA LYS A 45 3.64 52.96 -15.09
C LYS A 45 4.07 53.15 -16.54
N LYS A 46 4.65 52.11 -17.14
CA LYS A 46 5.17 52.20 -18.50
C LYS A 46 4.06 52.50 -19.53
N THR A 47 2.86 51.99 -19.30
CA THR A 47 1.70 52.33 -20.13
C THR A 47 0.91 53.48 -19.49
N GLU A 48 0.58 53.35 -18.21
CA GLU A 48 -0.28 54.33 -17.52
C GLU A 48 0.44 55.64 -17.22
N GLY A 49 1.56 55.57 -16.51
CA GLY A 49 2.45 56.74 -16.34
C GLY A 49 2.20 57.56 -15.07
N SER A 50 0.92 57.83 -14.79
CA SER A 50 0.46 58.64 -13.65
C SER A 50 -1.03 58.94 -13.85
N PHE A 51 -1.68 59.46 -12.81
CA PHE A 51 -3.11 59.72 -12.84
C PHE A 51 -3.48 60.97 -12.03
N THR A 52 -4.50 61.71 -12.45
CA THR A 52 -5.00 62.85 -11.67
C THR A 52 -5.45 62.39 -10.27
N MET A 53 -5.06 63.16 -9.24
CA MET A 53 -5.41 62.88 -7.86
C MET A 53 -6.94 62.92 -7.59
N TYR A 54 -7.38 62.10 -6.66
CA TYR A 54 -8.77 62.10 -6.20
C TYR A 54 -8.82 61.92 -4.68
N SER A 55 -9.88 62.46 -4.07
CA SER A 55 -10.10 62.35 -2.62
C SER A 55 -11.02 61.16 -2.29
N THR A 56 -10.90 60.65 -1.07
CA THR A 56 -11.86 59.71 -0.48
C THR A 56 -12.24 60.19 0.93
N ILE A 57 -13.55 60.32 1.18
CA ILE A 57 -14.05 60.75 2.49
C ILE A 57 -14.73 59.60 3.23
N TYR A 58 -14.30 59.35 4.46
CA TYR A 58 -14.84 58.25 5.25
C TYR A 58 -15.75 58.80 6.34
N GLU A 59 -17.06 58.83 6.06
CA GLU A 59 -18.04 59.40 7.01
C GLU A 59 -18.53 58.31 7.96
N LEU A 60 -18.10 58.38 9.21
CA LEU A 60 -18.46 57.37 10.18
C LEU A 60 -19.93 57.47 10.52
N GLN A 61 -20.67 56.39 10.26
CA GLN A 61 -22.09 56.30 10.60
C GLN A 61 -22.26 55.80 12.04
N GLU A 62 -23.48 55.86 12.57
CA GLU A 62 -23.76 55.30 13.91
C GLU A 62 -23.67 53.76 13.96
N ASN A 63 -23.76 53.08 12.81
CA ASN A 63 -23.44 51.64 12.72
C ASN A 63 -22.01 51.34 13.11
N ASN A 64 -21.15 52.33 12.91
CA ASN A 64 -19.71 52.15 12.89
C ASN A 64 -19.15 51.70 11.53
N SER A 65 -20.02 51.68 10.53
CA SER A 65 -19.60 51.51 9.16
C SER A 65 -19.17 52.88 8.64
N TYR A 66 -18.65 52.92 7.42
CA TYR A 66 -18.36 54.18 6.75
C TYR A 66 -19.20 54.29 5.49
N ASN A 67 -19.70 55.48 5.23
CA ASN A 67 -20.21 55.84 3.93
C ASN A 67 -19.08 56.48 3.14
N VAL A 68 -18.37 55.68 2.34
CA VAL A 68 -17.17 56.16 1.65
C VAL A 68 -17.55 56.87 0.36
N THR A 69 -17.11 58.13 0.22
CA THR A 69 -17.40 58.97 -0.95
C THR A 69 -16.12 59.40 -1.64
N SER A 70 -15.89 58.94 -2.85
CA SER A 70 -14.72 59.41 -3.59
C SER A 70 -15.11 60.49 -4.61
N ILE A 71 -14.46 61.64 -4.50
CA ILE A 71 -14.64 62.75 -5.42
C ILE A 71 -13.53 62.67 -6.44
N LEU A 72 -13.90 62.70 -7.74
CA LEU A 72 -12.93 62.59 -8.83
C LEU A 72 -13.18 63.67 -9.85
N VAL A 73 -12.11 64.25 -10.39
CA VAL A 73 -12.21 65.21 -11.50
C VAL A 73 -12.58 64.43 -12.75
N ARG A 74 -13.56 64.94 -13.50
CA ARG A 74 -13.92 64.36 -14.81
C ARG A 74 -15.24 64.93 -15.36
N CYS A 80 -16.85 67.01 -11.74
CA CYS A 80 -16.72 66.07 -10.61
C CYS A 80 -17.60 64.82 -10.78
N ARG A 81 -17.03 63.69 -10.41
CA ARG A 81 -17.68 62.39 -10.47
C ARG A 81 -17.63 61.82 -9.06
N TYR A 82 -18.76 61.29 -8.59
CA TYR A 82 -18.86 60.86 -7.19
C TYR A 82 -19.10 59.37 -7.07
N TRP A 83 -18.08 58.67 -6.54
CA TRP A 83 -18.12 57.21 -6.35
C TRP A 83 -18.42 56.98 -4.89
N ILE A 84 -19.58 56.39 -4.61
CA ILE A 84 -20.10 56.28 -3.24
C ILE A 84 -20.45 54.84 -2.89
N ARG A 85 -19.89 54.37 -1.78
CA ARG A 85 -19.96 52.98 -1.38
C ARG A 85 -20.14 52.88 0.14
N THR A 86 -20.53 51.71 0.64
CA THR A 86 -20.56 51.52 2.08
C THR A 86 -19.52 50.47 2.48
N PHE A 87 -18.64 50.83 3.40
CA PHE A 87 -17.64 49.94 3.96
C PHE A 87 -18.13 49.45 5.32
N VAL A 88 -18.35 48.14 5.41
CA VAL A 88 -18.89 47.49 6.60
C VAL A 88 -17.78 46.80 7.38
N PRO A 89 -17.71 47.03 8.70
CA PRO A 89 -16.62 46.43 9.48
C PRO A 89 -16.65 44.91 9.49
N SER A 90 -15.48 44.32 9.25
CA SER A 90 -15.35 42.89 9.12
C SER A 90 -14.92 42.29 10.46
N SER A 91 -14.22 41.15 10.43
CA SER A 91 -13.87 40.40 11.65
C SER A 91 -12.91 41.12 12.63
N ARG A 92 -11.95 41.89 12.12
CA ARG A 92 -11.00 42.60 12.99
C ARG A 92 -11.04 44.10 12.67
N ALA A 93 -11.06 44.93 13.71
CA ALA A 93 -11.07 46.39 13.54
C ALA A 93 -9.93 46.78 12.59
N GLY A 94 -10.29 47.55 11.56
CA GLY A 94 -9.38 47.92 10.50
C GLY A 94 -9.75 47.25 9.19
N GLN A 95 -10.49 46.15 9.28
CA GLN A 95 -10.97 45.43 8.09
C GLN A 95 -12.40 45.79 7.70
N PHE A 96 -12.69 45.78 6.40
CA PHE A 96 -14.07 45.98 5.95
C PHE A 96 -14.40 45.13 4.72
N THR A 97 -15.68 44.85 4.53
CA THR A 97 -16.18 44.41 3.25
C THR A 97 -17.04 45.52 2.68
N LEU A 98 -17.46 45.33 1.44
CA LEU A 98 -18.32 46.26 0.72
C LEU A 98 -19.76 45.92 1.03
N GLY A 99 -20.50 46.86 1.61
CA GLY A 99 -21.93 46.72 1.79
C GLY A 99 -22.66 46.31 0.51
N ASN A 100 -23.76 45.59 0.68
CA ASN A 100 -24.63 45.22 -0.42
C ASN A 100 -23.91 44.93 -1.71
N MET A 101 -22.90 44.08 -1.64
CA MET A 101 -22.12 43.67 -2.81
C MET A 101 -22.97 43.15 -3.97
N HIS A 102 -24.12 42.56 -3.66
CA HIS A 102 -25.01 42.05 -4.72
C HIS A 102 -25.43 43.12 -5.74
N ARG A 103 -25.35 44.39 -5.37
CA ARG A 103 -25.72 45.48 -6.28
C ARG A 103 -24.60 45.83 -7.27
N TYR A 104 -23.44 45.20 -7.11
CA TYR A 104 -22.31 45.46 -7.99
C TYR A 104 -22.01 44.22 -8.85
N PRO A 105 -22.59 44.17 -10.07
CA PRO A 105 -22.46 43.06 -11.02
C PRO A 105 -21.03 42.59 -11.24
N GLN A 106 -20.12 43.55 -11.25
CA GLN A 106 -18.72 43.31 -11.53
C GLN A 106 -17.90 42.94 -10.27
N VAL A 107 -18.55 42.75 -9.12
CA VAL A 107 -17.83 42.52 -7.90
C VAL A 107 -18.39 41.28 -7.20
N GLN A 108 -17.53 40.27 -7.09
CA GLN A 108 -17.84 39.04 -6.41
C GLN A 108 -17.13 38.93 -5.05
N SER A 109 -16.15 39.80 -4.79
CA SER A 109 -15.42 39.83 -3.52
C SER A 109 -14.86 41.23 -3.32
N TYR A 110 -14.91 41.74 -2.09
CA TYR A 110 -14.30 43.07 -1.81
C TYR A 110 -13.83 43.22 -0.37
N ASN A 111 -12.51 43.23 -0.20
CA ASN A 111 -11.88 43.37 1.10
C ASN A 111 -11.13 44.70 1.21
N VAL A 112 -11.29 45.37 2.34
CA VAL A 112 -10.56 46.59 2.66
C VAL A 112 -9.84 46.41 3.99
N GLN A 113 -8.59 46.83 4.06
CA GLN A 113 -7.78 46.69 5.28
C GLN A 113 -6.81 47.83 5.49
N VAL A 114 -6.91 48.46 6.66
CA VAL A 114 -6.05 49.58 6.99
C VAL A 114 -4.74 48.97 7.50
N ALA A 115 -3.74 48.94 6.62
CA ALA A 115 -2.43 48.35 6.93
C ALA A 115 -1.67 49.16 7.97
N THR A 116 -1.56 50.46 7.73
CA THR A 116 -0.88 51.37 8.66
C THR A 116 -1.50 52.76 8.57
N THR A 117 -1.73 53.38 9.72
CA THR A 117 -2.07 54.78 9.74
C THR A 117 -1.68 55.43 11.04
N ASP A 118 -1.46 56.73 10.96
CA ASP A 118 -1.22 57.58 12.13
C ASP A 118 -2.31 58.64 12.21
N TYR A 119 -3.36 58.51 11.39
CA TYR A 119 -4.57 59.35 11.44
C TYR A 119 -4.41 60.85 11.15
N ASN A 120 -3.22 61.41 11.37
CA ASN A 120 -2.93 62.83 11.18
C ASN A 120 -2.43 63.14 9.79
N GLN A 121 -1.48 62.32 9.33
CA GLN A 121 -0.74 62.60 8.10
C GLN A 121 -1.06 61.58 7.01
N PHE A 122 -0.83 60.29 7.29
CA PHE A 122 -0.92 59.26 6.25
C PHE A 122 -1.62 57.98 6.68
N ALA A 123 -1.95 57.18 5.68
CA ALA A 123 -2.49 55.84 5.89
C ALA A 123 -2.13 55.01 4.68
N MET A 124 -1.86 53.73 4.91
CA MET A 124 -1.63 52.81 3.83
C MET A 124 -2.69 51.74 3.95
N VAL A 125 -3.58 51.67 2.96
CA VAL A 125 -4.80 50.88 3.04
C VAL A 125 -4.85 49.89 1.89
N PHE A 126 -5.16 48.64 2.22
CA PHE A 126 -5.08 47.52 1.28
C PHE A 126 -6.48 47.16 0.73
N PHE A 127 -6.63 47.20 -0.60
CA PHE A 127 -7.89 46.86 -1.26
C PHE A 127 -7.71 45.59 -2.10
N ARG A 128 -8.58 44.60 -1.89
CA ARG A 128 -8.54 43.36 -2.65
C ARG A 128 -9.92 43.12 -3.24
N LYS A 129 -9.99 42.52 -4.43
CA LYS A 129 -11.31 42.24 -5.05
C LYS A 129 -11.28 41.23 -6.18
N THR A 130 -12.47 40.70 -6.48
CA THR A 130 -12.64 39.79 -7.58
C THR A 130 -13.68 40.36 -8.53
N SER A 131 -13.26 40.65 -9.75
CA SER A 131 -14.16 41.06 -10.83
C SER A 131 -13.92 40.14 -12.00
N GLU A 132 -14.98 39.91 -12.77
CA GLU A 132 -14.92 39.06 -13.97
C GLU A 132 -13.92 37.91 -13.80
N ASN A 133 -14.04 37.18 -12.68
CA ASN A 133 -13.19 36.03 -12.37
C ASN A 133 -11.70 36.33 -12.42
N LYS A 134 -11.31 37.55 -12.08
CA LYS A 134 -9.89 37.94 -12.02
C LYS A 134 -9.62 38.53 -10.62
N GLN A 135 -8.49 38.13 -10.03
CA GLN A 135 -8.15 38.52 -8.67
C GLN A 135 -7.22 39.76 -8.66
N TYR A 136 -7.79 40.92 -8.33
CA TYR A 136 -7.02 42.18 -8.24
C TYR A 136 -6.70 42.57 -6.80
N PHE A 137 -5.64 43.34 -6.62
CA PHE A 137 -5.35 43.98 -5.34
C PHE A 137 -4.46 45.20 -5.48
N LYS A 138 -4.61 46.12 -4.52
CA LYS A 138 -3.79 47.32 -4.47
C LYS A 138 -3.75 47.91 -3.06
N ILE A 139 -2.83 48.84 -2.89
CA ILE A 139 -2.73 49.60 -1.67
C ILE A 139 -2.64 51.06 -2.08
N THR A 140 -3.46 51.90 -1.45
CA THR A 140 -3.36 53.31 -1.71
C THR A 140 -2.50 53.96 -0.62
N LEU A 141 -1.69 54.93 -1.03
CA LEU A 141 -1.06 55.83 -0.09
C LEU A 141 -2.00 57.02 0.14
N TYR A 142 -2.76 56.98 1.24
CA TYR A 142 -3.60 58.12 1.62
C TYR A 142 -2.78 59.13 2.36
N GLY A 143 -3.25 60.38 2.31
CA GLY A 143 -2.62 61.49 3.01
C GLY A 143 -3.65 62.56 3.30
N ARG A 144 -3.67 63.08 4.52
CA ARG A 144 -4.61 64.14 4.90
C ARG A 144 -4.31 65.48 4.23
N THR A 145 -3.06 65.65 3.80
CA THR A 145 -2.71 66.70 2.84
C THR A 145 -2.40 66.03 1.50
N LYS A 146 -2.29 66.86 0.46
CA LYS A 146 -2.15 66.40 -0.92
C LYS A 146 -0.67 66.14 -1.25
N GLU A 147 0.20 66.35 -0.27
CA GLU A 147 1.64 66.15 -0.42
C GLU A 147 2.12 65.27 0.75
N LEU A 148 3.19 64.50 0.55
CA LEU A 148 3.74 63.65 1.63
C LEU A 148 5.27 63.47 1.52
N SER A 149 5.89 63.15 2.66
CA SER A 149 7.34 62.98 2.78
C SER A 149 7.89 61.86 1.90
N PRO A 150 9.05 62.09 1.27
CA PRO A 150 9.74 61.02 0.53
C PRO A 150 9.96 59.75 1.35
N GLU A 151 10.29 59.91 2.64
CA GLU A 151 10.38 58.76 3.53
C GLU A 151 9.11 57.92 3.46
N LEU A 152 7.94 58.58 3.53
CA LEU A 152 6.67 57.86 3.45
C LEU A 152 6.39 57.35 2.02
N LYS A 153 6.72 58.15 0.99
CA LYS A 153 6.62 57.65 -0.37
C LYS A 153 7.52 56.42 -0.54
N GLU A 154 8.78 56.51 -0.09
CA GLU A 154 9.70 55.37 -0.15
C GLU A 154 9.14 54.20 0.66
N ARG A 155 8.69 54.48 1.88
CA ARG A 155 8.13 53.47 2.79
C ARG A 155 7.00 52.71 2.09
N PHE A 156 6.09 53.46 1.48
CA PHE A 156 5.01 52.92 0.69
C PHE A 156 5.52 52.02 -0.43
N THR A 157 6.60 52.43 -1.09
CA THR A 157 7.19 51.62 -2.14
C THR A 157 7.67 50.28 -1.60
N ARG A 158 8.39 50.33 -0.49
CA ARG A 158 8.90 49.11 0.14
C ARG A 158 7.76 48.18 0.55
N PHE A 159 6.65 48.77 0.98
CA PHE A 159 5.46 48.02 1.40
C PHE A 159 4.80 47.22 0.26
N ALA A 160 4.68 47.84 -0.90
CA ALA A 160 4.10 47.18 -2.07
C ALA A 160 5.09 46.17 -2.67
N LYS A 161 6.38 46.51 -2.66
CA LYS A 161 7.41 45.54 -3.02
C LYS A 161 7.26 44.33 -2.11
N SER A 162 6.96 44.59 -0.84
CA SER A 162 6.81 43.53 0.15
C SER A 162 5.67 42.58 -0.20
N LEU A 163 4.64 43.10 -0.84
CA LEU A 163 3.48 42.31 -1.26
C LEU A 163 3.68 41.59 -2.58
N GLY A 164 4.85 41.72 -3.19
CA GLY A 164 5.17 41.01 -4.43
C GLY A 164 5.15 41.89 -5.67
N LEU A 165 4.72 43.13 -5.52
CA LEU A 165 4.65 44.07 -6.62
C LEU A 165 6.05 44.58 -6.97
N LYS A 166 6.18 45.24 -8.12
CA LYS A 166 7.45 45.79 -8.60
C LYS A 166 7.30 47.28 -8.96
N ASP A 167 8.40 47.92 -9.36
CA ASP A 167 8.39 49.37 -9.66
C ASP A 167 7.39 49.79 -10.73
N ASP A 168 7.11 48.91 -11.69
CA ASP A 168 6.12 49.25 -12.73
C ASP A 168 4.70 49.19 -12.18
N ASN A 169 4.52 48.60 -11.00
CA ASN A 169 3.21 48.50 -10.36
C ASN A 169 2.87 49.68 -9.47
N ILE A 170 3.83 50.59 -9.28
CA ILE A 170 3.65 51.76 -8.40
C ILE A 170 3.44 53.03 -9.23
N ILE A 171 2.54 53.88 -8.75
CA ILE A 171 2.16 55.07 -9.49
C ILE A 171 1.82 56.18 -8.49
N PHE A 172 2.18 57.40 -8.84
CA PHE A 172 1.85 58.55 -8.02
C PHE A 172 0.93 59.52 -8.75
N SER A 173 0.05 60.16 -7.98
CA SER A 173 -0.94 61.07 -8.53
C SER A 173 -0.38 62.49 -8.71
N VAL A 174 -0.65 63.08 -9.87
CA VAL A 174 -0.50 64.51 -10.05
C VAL A 174 -1.68 65.18 -9.32
N PRO A 175 -1.40 66.10 -8.36
CA PRO A 175 -2.49 66.73 -7.61
C PRO A 175 -3.24 67.84 -8.38
N THR A 176 -4.45 68.13 -7.91
CA THR A 176 -5.31 69.17 -8.48
C THR A 176 -6.09 69.89 -7.38
N ASP A 177 -6.74 70.98 -7.78
CA ASP A 177 -7.61 71.79 -6.91
C ASP A 177 -9.09 71.65 -7.30
N GLN A 178 -9.37 71.08 -8.46
CA GLN A 178 -10.75 70.96 -8.96
C GLN A 178 -11.49 69.75 -8.36
N CYS A 179 -12.69 70.00 -7.80
CA CYS A 179 -13.53 68.96 -7.17
C CYS A 179 -13.08 68.48 -5.79
N ILE A 180 -11.86 67.95 -5.69
CA ILE A 180 -11.48 67.10 -4.53
C ILE A 180 -11.43 67.77 -3.15
N ASP A 181 -11.37 69.09 -3.10
CA ASP A 181 -11.38 69.80 -1.81
C ASP A 181 -12.81 69.99 -1.28
N ASN A 182 -13.73 69.22 -1.82
CA ASN A 182 -15.00 68.84 -1.16
C ASN A 182 -16.19 69.68 -1.64
N LEU B 9 26.22 -27.27 12.70
CA LEU B 9 26.72 -28.14 11.58
C LEU B 9 26.66 -27.43 10.23
N ILE B 10 27.84 -27.13 9.67
CA ILE B 10 27.98 -26.54 8.33
C ILE B 10 26.95 -27.17 7.39
N PRO B 11 26.12 -26.34 6.73
CA PRO B 11 24.99 -26.87 5.92
C PRO B 11 25.47 -27.59 4.69
N ALA B 12 24.66 -28.51 4.17
CA ALA B 12 25.09 -29.35 3.06
C ALA B 12 25.11 -28.61 1.74
N PRO B 13 26.01 -29.01 0.82
CA PRO B 13 25.99 -28.56 -0.57
C PRO B 13 24.80 -29.06 -1.42
N SER B 14 24.48 -28.26 -2.44
CA SER B 14 23.58 -28.59 -3.53
C SER B 14 24.20 -29.69 -4.37
N LEU B 15 23.40 -30.44 -5.13
CA LEU B 15 24.00 -31.44 -6.02
C LEU B 15 24.47 -30.81 -7.34
N LEU B 16 24.11 -29.56 -7.57
CA LEU B 16 24.64 -28.81 -8.69
C LEU B 16 26.02 -28.23 -8.37
N THR B 17 26.26 -27.90 -7.11
CA THR B 17 27.49 -27.26 -6.69
C THR B 17 28.61 -28.26 -6.46
N VAL B 18 28.25 -29.47 -6.01
CA VAL B 18 29.21 -30.58 -5.98
C VAL B 18 29.49 -31.01 -7.43
N PRO B 19 30.77 -31.11 -7.81
CA PRO B 19 30.94 -31.47 -9.22
C PRO B 19 30.51 -32.91 -9.52
N LEU B 20 30.37 -33.21 -10.80
CA LEU B 20 30.01 -34.54 -11.28
C LEU B 20 30.89 -34.88 -12.48
N GLN B 21 31.57 -36.02 -12.41
CA GLN B 21 32.40 -36.53 -13.50
C GLN B 21 31.60 -36.64 -14.81
N PRO B 22 32.06 -35.91 -15.86
CA PRO B 22 31.44 -36.02 -17.19
C PRO B 22 31.52 -37.43 -17.73
N ASP B 23 30.50 -37.84 -18.50
CA ASP B 23 30.43 -39.19 -19.07
C ASP B 23 30.92 -40.21 -18.07
N PHE B 24 30.28 -40.25 -16.91
CA PHE B 24 30.62 -41.23 -15.89
C PHE B 24 30.32 -42.62 -16.42
N ARG B 25 31.27 -43.53 -16.22
CA ARG B 25 31.19 -44.89 -16.73
C ARG B 25 31.09 -45.90 -15.58
N SER B 26 29.90 -46.46 -15.41
CA SER B 26 29.65 -47.54 -14.43
C SER B 26 30.62 -48.71 -14.63
N ASP B 27 30.92 -49.03 -15.91
CA ASP B 27 31.88 -50.07 -16.28
C ASP B 27 33.24 -49.89 -15.62
N GLN B 28 33.88 -48.76 -15.89
CA GLN B 28 35.23 -48.50 -15.41
C GLN B 28 35.27 -48.13 -13.92
N PHE B 29 34.15 -47.74 -13.34
CA PHE B 29 34.11 -47.40 -11.90
C PHE B 29 33.98 -48.59 -10.98
N ARG B 30 33.60 -49.75 -11.51
CA ARG B 30 33.33 -50.93 -10.69
C ARG B 30 34.59 -51.44 -9.98
N GLY B 31 34.41 -52.49 -9.19
CA GLY B 31 35.51 -53.07 -8.44
C GLY B 31 35.72 -52.41 -7.09
N ARG B 32 36.73 -52.89 -6.37
CA ARG B 32 36.97 -52.43 -5.01
C ARG B 32 37.75 -51.13 -4.95
N TRP B 33 37.51 -50.40 -3.87
CA TRP B 33 38.23 -49.17 -3.57
C TRP B 33 38.58 -49.19 -2.08
N TYR B 34 39.74 -48.64 -1.74
CA TYR B 34 40.12 -48.46 -0.35
C TYR B 34 39.94 -46.98 0.05
N VAL B 35 39.12 -46.73 1.06
CA VAL B 35 38.97 -45.37 1.60
C VAL B 35 40.28 -44.98 2.28
N VAL B 36 40.99 -44.02 1.69
CA VAL B 36 42.26 -43.52 2.24
C VAL B 36 42.05 -42.44 3.32
N GLY B 37 40.90 -41.75 3.28
CA GLY B 37 40.53 -40.75 4.31
C GLY B 37 39.19 -40.04 4.05
N LEU B 38 38.43 -39.78 5.11
CA LEU B 38 37.16 -39.06 4.98
C LEU B 38 37.30 -37.55 5.24
N ALA B 39 36.28 -36.81 4.84
CA ALA B 39 36.19 -35.37 5.06
C ALA B 39 34.72 -35.02 5.22
N GLY B 40 34.29 -34.77 6.45
CA GLY B 40 32.86 -34.57 6.71
C GLY B 40 32.55 -33.58 7.82
N ASN B 41 31.39 -32.94 7.73
CA ASN B 41 30.96 -31.96 8.71
C ASN B 41 30.77 -32.54 10.11
N ALA B 42 30.56 -33.85 10.19
CA ALA B 42 30.54 -34.56 11.48
C ALA B 42 31.94 -35.04 11.98
N VAL B 43 32.99 -34.96 11.15
CA VAL B 43 34.30 -35.49 11.53
C VAL B 43 35.07 -34.48 12.40
N GLN B 44 35.64 -34.95 13.51
CA GLN B 44 36.36 -34.07 14.43
C GLN B 44 37.57 -34.73 15.08
N LYS B 45 38.73 -34.65 14.42
CA LYS B 45 39.95 -35.31 14.93
C LYS B 45 40.42 -34.73 16.28
N LYS B 46 39.96 -35.39 17.35
CA LYS B 46 40.02 -34.89 18.72
C LYS B 46 38.82 -35.43 19.50
N GLY B 49 40.21 -39.08 16.00
CA GLY B 49 41.61 -38.75 15.71
C GLY B 49 42.17 -39.50 14.50
N SER B 50 41.98 -40.82 14.48
CA SER B 50 42.48 -41.68 13.41
C SER B 50 41.73 -43.00 13.38
N PHE B 51 41.09 -43.29 12.24
CA PHE B 51 40.24 -44.46 12.09
C PHE B 51 40.92 -45.55 11.26
N THR B 52 40.65 -46.81 11.57
CA THR B 52 41.26 -47.94 10.86
C THR B 52 40.56 -48.18 9.50
N MET B 53 41.37 -48.33 8.46
CA MET B 53 40.93 -48.35 7.04
C MET B 53 39.83 -49.38 6.73
N TYR B 54 39.04 -49.11 5.70
CA TYR B 54 38.09 -50.09 5.18
C TYR B 54 38.01 -50.05 3.66
N SER B 55 37.36 -51.05 3.10
CA SER B 55 37.24 -51.22 1.66
C SER B 55 35.79 -51.02 1.24
N THR B 56 35.58 -50.71 -0.04
CA THR B 56 34.24 -50.67 -0.60
C THR B 56 34.24 -51.22 -2.03
N ILE B 57 33.61 -52.37 -2.19
CA ILE B 57 33.50 -53.03 -3.48
C ILE B 57 32.18 -52.64 -4.15
N TYR B 58 32.28 -52.04 -5.35
CA TYR B 58 31.12 -51.64 -6.16
C TYR B 58 30.87 -52.70 -7.22
N GLU B 59 29.93 -53.61 -6.95
CA GLU B 59 29.60 -54.69 -7.90
C GLU B 59 28.50 -54.26 -8.85
N LEU B 60 28.89 -53.97 -10.09
CA LEU B 60 27.96 -53.50 -11.11
C LEU B 60 26.97 -54.60 -11.48
N GLN B 61 25.71 -54.24 -11.63
CA GLN B 61 24.68 -55.21 -11.94
C GLN B 61 23.97 -54.91 -13.28
N GLU B 62 23.25 -55.91 -13.81
CA GLU B 62 22.46 -55.78 -15.05
C GLU B 62 21.67 -54.46 -15.13
N ASN B 63 20.95 -54.12 -14.07
CA ASN B 63 20.20 -52.86 -14.03
C ASN B 63 21.09 -51.60 -14.16
N ASN B 64 22.33 -51.70 -13.70
CA ASN B 64 23.28 -50.56 -13.67
C ASN B 64 23.35 -49.96 -12.28
N SER B 65 22.61 -50.53 -11.34
CA SER B 65 22.78 -50.20 -9.95
C SER B 65 24.00 -50.94 -9.45
N TYR B 66 24.45 -50.61 -8.25
CA TYR B 66 25.63 -51.23 -7.63
C TYR B 66 25.25 -52.00 -6.40
N ASN B 67 25.72 -53.23 -6.27
CA ASN B 67 25.70 -53.86 -4.95
C ASN B 67 26.94 -53.37 -4.22
N VAL B 68 26.75 -52.46 -3.27
CA VAL B 68 27.89 -51.82 -2.59
C VAL B 68 28.18 -52.55 -1.28
N THR B 69 29.35 -53.18 -1.19
CA THR B 69 29.75 -53.94 -0.01
C THR B 69 30.97 -53.30 0.61
N SER B 70 30.87 -52.88 1.88
CA SER B 70 32.04 -52.41 2.61
C SER B 70 32.56 -53.47 3.60
N ILE B 71 33.87 -53.52 3.78
CA ILE B 71 34.50 -54.50 4.65
C ILE B 71 35.22 -53.75 5.77
N LEU B 72 35.04 -54.21 7.01
CA LEU B 72 35.56 -53.52 8.21
C LEU B 72 35.94 -54.52 9.30
N VAL B 73 36.76 -54.09 10.26
CA VAL B 73 37.34 -55.00 11.28
C VAL B 73 36.54 -55.03 12.58
N CYS B 80 35.87 -59.64 11.04
CA CYS B 80 35.39 -58.88 9.90
C CYS B 80 33.90 -58.61 10.00
N ARG B 81 33.47 -57.50 9.41
CA ARG B 81 32.06 -57.15 9.40
C ARG B 81 31.75 -56.48 8.08
N TYR B 82 30.61 -56.87 7.49
CA TYR B 82 30.24 -56.39 6.15
C TYR B 82 29.06 -55.47 6.22
N TRP B 83 29.04 -54.49 5.32
CA TRP B 83 28.00 -53.48 5.27
C TRP B 83 27.51 -53.45 3.85
N ILE B 84 26.36 -54.07 3.59
CA ILE B 84 25.90 -54.26 2.21
C ILE B 84 24.66 -53.41 1.93
N ARG B 85 24.71 -52.65 0.85
CA ARG B 85 23.65 -51.72 0.47
C ARG B 85 23.62 -51.61 -1.04
N THR B 86 22.55 -51.02 -1.58
CA THR B 86 22.36 -50.89 -3.03
C THR B 86 22.35 -49.43 -3.42
N PHE B 87 23.14 -49.09 -4.43
CA PHE B 87 23.13 -47.75 -4.97
C PHE B 87 22.36 -47.73 -6.28
N VAL B 88 21.16 -47.15 -6.25
CA VAL B 88 20.36 -47.01 -7.46
C VAL B 88 20.79 -45.75 -8.16
N PRO B 89 20.90 -45.76 -9.49
CA PRO B 89 21.25 -44.53 -10.22
C PRO B 89 20.20 -43.41 -10.13
N SER B 90 20.66 -42.17 -10.30
CA SER B 90 19.82 -40.99 -10.19
C SER B 90 19.69 -40.32 -11.57
N SER B 91 19.36 -39.03 -11.58
CA SER B 91 19.15 -38.27 -12.81
C SER B 91 20.39 -38.19 -13.67
N ARG B 92 21.54 -37.96 -13.04
CA ARG B 92 22.77 -37.77 -13.79
C ARG B 92 23.71 -38.95 -13.55
N ALA B 93 24.37 -39.40 -14.61
CA ALA B 93 25.33 -40.48 -14.49
C ALA B 93 26.43 -40.04 -13.53
N GLY B 94 26.59 -40.79 -12.45
CA GLY B 94 27.52 -40.46 -11.37
C GLY B 94 26.76 -40.36 -10.05
N GLN B 95 25.50 -39.97 -10.15
CA GLN B 95 24.64 -39.83 -9.00
C GLN B 95 23.98 -41.16 -8.64
N PHE B 96 23.75 -41.38 -7.35
CA PHE B 96 23.00 -42.52 -6.88
C PHE B 96 22.20 -42.14 -5.64
N THR B 97 21.17 -42.92 -5.35
CA THR B 97 20.54 -42.88 -4.05
C THR B 97 20.59 -44.30 -3.46
N LEU B 98 20.27 -44.38 -2.17
CA LEU B 98 20.32 -45.63 -1.42
C LEU B 98 19.04 -46.37 -1.77
N GLY B 99 19.16 -47.55 -2.33
CA GLY B 99 17.98 -48.36 -2.66
C GLY B 99 17.28 -48.81 -1.39
N ASN B 100 15.96 -48.95 -1.47
CA ASN B 100 15.19 -49.48 -0.35
C ASN B 100 15.46 -48.81 0.99
N MET B 101 15.46 -47.48 0.95
CA MET B 101 15.82 -46.64 2.07
C MET B 101 14.91 -46.84 3.28
N HIS B 102 13.67 -47.25 3.03
CA HIS B 102 12.68 -47.49 4.08
C HIS B 102 13.09 -48.61 5.03
N ARG B 103 13.96 -49.51 4.57
CA ARG B 103 14.51 -50.54 5.46
C ARG B 103 15.52 -49.99 6.46
N TYR B 104 15.85 -48.70 6.38
CA TYR B 104 16.84 -48.10 7.25
C TYR B 104 16.21 -46.97 8.05
N PRO B 105 15.78 -47.28 9.30
CA PRO B 105 15.10 -46.35 10.20
C PRO B 105 15.81 -45.01 10.41
N GLN B 106 17.13 -45.03 10.40
CA GLN B 106 17.87 -43.81 10.63
C GLN B 106 17.79 -42.88 9.41
N VAL B 107 18.03 -43.43 8.23
CA VAL B 107 18.20 -42.62 7.03
C VAL B 107 16.87 -42.11 6.46
N GLN B 108 16.73 -40.78 6.39
CA GLN B 108 15.59 -40.11 5.76
C GLN B 108 15.92 -39.61 4.34
N SER B 109 17.22 -39.51 4.05
CA SER B 109 17.71 -39.03 2.76
C SER B 109 19.13 -39.51 2.65
N TYR B 110 19.54 -39.87 1.43
CA TYR B 110 20.87 -40.42 1.17
C TYR B 110 21.26 -40.18 -0.31
N ASN B 111 22.31 -39.37 -0.50
CA ASN B 111 22.81 -39.02 -1.84
C ASN B 111 24.28 -39.36 -2.05
N VAL B 112 24.55 -40.18 -3.06
CA VAL B 112 25.92 -40.52 -3.47
C VAL B 112 26.26 -39.75 -4.76
N GLN B 113 27.49 -39.27 -4.87
CA GLN B 113 27.91 -38.59 -6.10
C GLN B 113 29.41 -38.66 -6.32
N VAL B 114 29.80 -39.03 -7.54
CA VAL B 114 31.21 -39.18 -7.89
C VAL B 114 31.70 -37.86 -8.48
N ALA B 115 32.44 -37.12 -7.65
CA ALA B 115 32.93 -35.79 -7.98
C ALA B 115 33.97 -35.88 -9.08
N THR B 116 35.00 -36.69 -8.83
CA THR B 116 36.09 -36.93 -9.79
C THR B 116 36.63 -38.34 -9.66
N THR B 117 37.18 -38.84 -10.75
CA THR B 117 37.81 -40.15 -10.71
C THR B 117 38.70 -40.38 -11.93
N ASP B 118 39.67 -41.28 -11.78
CA ASP B 118 40.42 -41.78 -12.93
C ASP B 118 40.25 -43.29 -13.09
N TYR B 119 39.35 -43.88 -12.29
CA TYR B 119 39.07 -45.32 -12.32
C TYR B 119 40.29 -46.16 -11.95
N ASN B 120 41.45 -45.83 -12.52
CA ASN B 120 42.72 -46.56 -12.37
C ASN B 120 43.39 -46.44 -11.01
N GLN B 121 43.27 -45.27 -10.39
CA GLN B 121 44.02 -44.96 -9.17
C GLN B 121 43.10 -44.45 -8.07
N PHE B 122 42.41 -43.34 -8.35
CA PHE B 122 41.69 -42.62 -7.31
C PHE B 122 40.26 -42.23 -7.68
N ALA B 123 39.48 -41.99 -6.64
CA ALA B 123 38.18 -41.38 -6.74
C ALA B 123 38.03 -40.38 -5.61
N MET B 124 37.07 -39.47 -5.75
CA MET B 124 36.62 -38.62 -4.68
C MET B 124 35.13 -38.63 -4.74
N VAL B 125 34.48 -39.17 -3.71
CA VAL B 125 33.04 -39.43 -3.73
C VAL B 125 32.28 -38.70 -2.62
N PHE B 126 31.28 -37.92 -3.02
CA PHE B 126 30.42 -37.15 -2.14
C PHE B 126 29.22 -37.98 -1.65
N PHE B 127 29.05 -38.00 -0.32
CA PHE B 127 27.92 -38.63 0.35
C PHE B 127 27.18 -37.58 1.17
N ARG B 128 25.86 -37.62 1.14
CA ARG B 128 25.06 -36.67 1.89
C ARG B 128 23.81 -37.39 2.35
N LYS B 129 23.43 -37.17 3.61
CA LYS B 129 22.28 -37.86 4.18
C LYS B 129 21.59 -37.07 5.27
N THR B 130 20.31 -37.35 5.46
CA THR B 130 19.60 -36.89 6.63
C THR B 130 19.38 -38.11 7.53
N SER B 131 19.84 -38.00 8.78
CA SER B 131 19.74 -39.07 9.78
C SER B 131 19.19 -38.48 11.06
N GLU B 132 18.15 -39.09 11.63
CA GLU B 132 17.51 -38.57 12.85
C GLU B 132 17.29 -37.05 12.82
N ASN B 133 16.90 -36.53 11.65
CA ASN B 133 16.61 -35.10 11.50
C ASN B 133 17.84 -34.23 11.69
N LYS B 134 18.93 -34.63 11.04
CA LYS B 134 20.20 -33.89 11.02
C LYS B 134 20.82 -34.07 9.65
N GLN B 135 21.44 -33.02 9.11
CA GLN B 135 21.97 -33.02 7.75
C GLN B 135 23.47 -33.28 7.76
N TYR B 136 23.88 -34.43 7.22
CA TYR B 136 25.31 -34.83 7.18
C TYR B 136 25.82 -34.93 5.76
N PHE B 137 27.11 -34.64 5.60
CA PHE B 137 27.78 -34.96 4.36
C PHE B 137 29.25 -35.26 4.60
N LYS B 138 29.81 -36.05 3.70
CA LYS B 138 31.20 -36.41 3.74
C LYS B 138 31.66 -36.63 2.30
N ILE B 139 32.93 -36.37 2.02
CA ILE B 139 33.53 -36.70 0.74
C ILE B 139 34.68 -37.66 1.02
N THR B 140 34.66 -38.84 0.39
CA THR B 140 35.66 -39.87 0.67
C THR B 140 36.73 -39.96 -0.42
N LEU B 141 37.97 -40.17 0.00
CA LEU B 141 39.08 -40.35 -0.91
C LEU B 141 39.28 -41.84 -1.16
N TYR B 142 38.73 -42.33 -2.27
CA TYR B 142 38.86 -43.74 -2.65
C TYR B 142 40.19 -43.96 -3.37
N GLY B 143 40.85 -45.08 -3.06
CA GLY B 143 42.09 -45.51 -3.72
C GLY B 143 42.03 -46.97 -4.19
N ARG B 144 42.52 -47.22 -5.41
CA ARG B 144 42.65 -48.60 -5.91
C ARG B 144 43.72 -49.36 -5.13
N THR B 145 44.78 -48.63 -4.77
CA THR B 145 45.79 -49.12 -3.84
C THR B 145 45.52 -48.43 -2.53
N LYS B 146 46.15 -48.91 -1.45
CA LYS B 146 45.93 -48.38 -0.10
C LYS B 146 46.73 -47.09 0.14
N GLU B 147 47.52 -46.67 -0.85
CA GLU B 147 48.46 -45.55 -0.71
C GLU B 147 48.22 -44.55 -1.84
N LEU B 148 48.46 -43.27 -1.57
CA LEU B 148 48.24 -42.22 -2.57
C LEU B 148 49.08 -40.98 -2.32
N SER B 149 49.45 -40.31 -3.42
CA SER B 149 50.42 -39.22 -3.38
C SER B 149 49.89 -37.98 -2.68
N PRO B 150 50.69 -37.35 -1.80
CA PRO B 150 50.33 -36.06 -1.19
C PRO B 150 49.70 -35.03 -2.15
N GLU B 151 50.12 -35.06 -3.41
CA GLU B 151 49.63 -34.15 -4.44
C GLU B 151 48.14 -34.36 -4.70
N LEU B 152 47.73 -35.62 -4.82
CA LEU B 152 46.32 -35.99 -4.96
C LEU B 152 45.60 -35.82 -3.62
N LYS B 153 46.31 -36.09 -2.52
CA LYS B 153 45.78 -35.85 -1.17
C LYS B 153 45.72 -34.36 -0.87
N GLU B 154 46.49 -33.55 -1.59
CA GLU B 154 46.33 -32.11 -1.49
C GLU B 154 44.99 -31.76 -2.11
N ARG B 155 44.73 -32.32 -3.28
CA ARG B 155 43.49 -32.05 -4.00
C ARG B 155 42.29 -32.38 -3.11
N PHE B 156 42.30 -33.56 -2.50
CA PHE B 156 41.24 -33.97 -1.55
C PHE B 156 41.05 -32.92 -0.46
N THR B 157 42.16 -32.36 0.04
CA THR B 157 42.10 -31.34 1.07
C THR B 157 41.42 -30.08 0.53
N ARG B 158 41.94 -29.55 -0.58
CA ARG B 158 41.39 -28.36 -1.21
C ARG B 158 39.92 -28.55 -1.54
N PHE B 159 39.57 -29.70 -2.11
CA PHE B 159 38.18 -30.00 -2.46
C PHE B 159 37.23 -29.86 -1.26
N ALA B 160 37.65 -30.40 -0.11
CA ALA B 160 36.88 -30.32 1.13
C ALA B 160 36.63 -28.87 1.51
N LYS B 161 37.71 -28.09 1.44
CA LYS B 161 37.65 -26.65 1.71
C LYS B 161 36.69 -25.98 0.72
N SER B 162 36.74 -26.43 -0.54
CA SER B 162 35.77 -26.05 -1.57
C SER B 162 34.36 -25.98 -1.00
N LEU B 163 33.98 -27.00 -0.24
CA LEU B 163 32.60 -27.13 0.26
C LEU B 163 32.38 -26.57 1.67
N GLY B 164 33.41 -25.98 2.27
CA GLY B 164 33.25 -25.34 3.56
C GLY B 164 33.82 -26.07 4.75
N LEU B 165 34.60 -27.13 4.51
CA LEU B 165 35.17 -27.88 5.61
C LEU B 165 36.53 -27.31 6.00
N LYS B 166 36.90 -27.49 7.28
CA LYS B 166 38.18 -27.05 7.81
C LYS B 166 38.99 -28.27 8.25
N ASP B 167 40.26 -28.06 8.60
CA ASP B 167 41.19 -29.18 8.80
C ASP B 167 40.74 -30.19 9.90
N ASP B 168 39.98 -29.74 10.89
CA ASP B 168 39.51 -30.65 11.95
C ASP B 168 38.53 -31.67 11.38
N ASN B 169 37.85 -31.30 10.28
CA ASN B 169 36.91 -32.20 9.62
C ASN B 169 37.61 -33.28 8.82
N ILE B 170 38.92 -33.12 8.58
CA ILE B 170 39.65 -34.05 7.69
C ILE B 170 40.45 -35.12 8.45
N ILE B 171 40.40 -36.35 7.94
CA ILE B 171 41.02 -37.48 8.61
C ILE B 171 41.59 -38.45 7.58
N PHE B 172 42.49 -39.34 8.01
CA PHE B 172 43.05 -40.35 7.12
C PHE B 172 43.19 -41.70 7.83
N SER B 173 43.11 -42.76 7.04
CA SER B 173 43.14 -44.11 7.57
C SER B 173 44.59 -44.54 7.81
N VAL B 174 44.77 -45.35 8.84
CA VAL B 174 45.99 -46.09 9.08
C VAL B 174 45.67 -47.50 8.65
N PRO B 175 46.29 -47.99 7.56
CA PRO B 175 45.91 -49.29 6.98
C PRO B 175 45.91 -50.45 7.96
N THR B 176 45.10 -51.46 7.65
CA THR B 176 45.30 -52.80 8.15
C THR B 176 45.32 -53.67 6.91
N ASP B 177 45.61 -54.95 7.10
CA ASP B 177 45.52 -55.94 6.02
C ASP B 177 44.59 -57.08 6.46
N GLN B 178 43.71 -56.78 7.41
CA GLN B 178 42.75 -57.76 7.94
C GLN B 178 41.44 -57.50 7.24
N CYS B 179 40.70 -58.55 6.89
CA CYS B 179 39.35 -58.40 6.34
C CYS B 179 39.31 -57.73 4.96
N ILE B 180 39.85 -56.51 4.88
CA ILE B 180 39.64 -55.63 3.74
C ILE B 180 40.24 -56.10 2.40
N ASP B 181 40.83 -57.28 2.38
CA ASP B 181 41.41 -57.84 1.15
C ASP B 181 40.58 -59.00 0.58
N ASN B 182 39.71 -59.56 1.44
CA ASN B 182 38.66 -60.55 1.09
C ASN B 182 39.19 -61.98 0.98
N GLU C 1 23.17 -3.93 -14.51
CA GLU C 1 22.09 -3.91 -15.55
C GLU C 1 22.06 -5.22 -16.37
N VAL C 2 21.81 -6.34 -15.68
CA VAL C 2 21.79 -7.66 -16.32
C VAL C 2 20.56 -7.83 -17.20
N LYS C 3 20.76 -8.31 -18.42
CA LYS C 3 19.65 -8.53 -19.34
C LYS C 3 19.83 -9.81 -20.16
N LEU C 4 18.73 -10.56 -20.33
CA LEU C 4 18.64 -11.63 -21.32
C LEU C 4 17.50 -11.27 -22.26
N GLN C 5 17.70 -11.50 -23.56
CA GLN C 5 16.67 -11.20 -24.56
C GLN C 5 16.53 -12.33 -25.56
N GLU C 6 15.29 -12.60 -25.95
CA GLU C 6 14.96 -13.75 -26.79
C GLU C 6 14.33 -13.28 -28.09
N SER C 7 14.80 -13.84 -29.21
CA SER C 7 14.47 -13.37 -30.57
C SER C 7 13.85 -14.49 -31.39
N LEU C 11 6.17 -18.31 -34.88
CA LEU C 11 5.28 -19.14 -35.71
C LEU C 11 6.06 -20.14 -36.54
N VAL C 12 5.78 -21.43 -36.32
CA VAL C 12 6.55 -22.53 -36.88
C VAL C 12 5.59 -23.66 -37.24
N GLN C 13 5.95 -24.49 -38.22
CA GLN C 13 5.10 -25.62 -38.60
C GLN C 13 5.63 -26.95 -38.07
N PRO C 14 4.74 -27.91 -37.78
CA PRO C 14 5.13 -29.22 -37.26
C PRO C 14 6.21 -29.90 -38.09
N SER C 15 7.14 -30.58 -37.44
CA SER C 15 8.26 -31.23 -38.12
C SER C 15 9.40 -30.26 -38.52
N GLN C 16 9.18 -28.96 -38.39
CA GLN C 16 10.20 -27.95 -38.74
C GLN C 16 11.14 -27.80 -37.55
N THR C 17 12.01 -26.77 -37.58
CA THR C 17 13.02 -26.61 -36.53
C THR C 17 12.99 -25.23 -35.84
N LEU C 18 12.47 -25.19 -34.62
CA LEU C 18 12.50 -23.98 -33.78
C LEU C 18 13.94 -23.53 -33.49
N SER C 19 14.22 -22.25 -33.77
CA SER C 19 15.55 -21.66 -33.55
C SER C 19 15.41 -20.27 -32.94
N LEU C 20 15.39 -20.23 -31.62
CA LEU C 20 15.35 -18.98 -30.86
C LEU C 20 16.78 -18.67 -30.41
N THR C 21 17.02 -17.44 -29.95
CA THR C 21 18.36 -17.02 -29.56
C THR C 21 18.35 -16.15 -28.30
N CYS C 22 19.15 -16.54 -27.31
CA CYS C 22 19.35 -15.68 -26.15
C CYS C 22 20.60 -14.81 -26.34
N THR C 23 20.39 -13.49 -26.35
CA THR C 23 21.45 -12.51 -26.32
C THR C 23 21.49 -11.94 -24.91
N VAL C 24 22.68 -11.86 -24.32
CA VAL C 24 22.81 -11.43 -22.91
C VAL C 24 23.80 -10.27 -22.70
N SER C 25 23.48 -9.39 -21.75
CA SER C 25 24.33 -8.28 -21.35
C SER C 25 24.49 -8.32 -19.84
N GLY C 26 25.55 -7.70 -19.33
CA GLY C 26 25.80 -7.60 -17.88
C GLY C 26 26.55 -8.76 -17.23
N PHE C 27 26.79 -9.82 -17.99
CA PHE C 27 27.53 -10.97 -17.49
C PHE C 27 28.13 -11.76 -18.63
N SER C 28 29.08 -12.64 -18.31
CA SER C 28 29.76 -13.42 -19.33
C SER C 28 29.40 -14.89 -19.20
N LEU C 29 29.02 -15.49 -20.33
CA LEU C 29 28.70 -16.91 -20.40
C LEU C 29 29.91 -17.79 -20.01
N THR C 30 31.12 -17.24 -20.09
CA THR C 30 32.31 -17.92 -19.56
C THR C 30 32.17 -18.26 -18.07
N SER C 31 31.50 -17.38 -17.33
CA SER C 31 31.41 -17.47 -15.87
C SER C 31 29.97 -17.66 -15.32
N ASN C 32 28.99 -17.85 -16.21
CA ASN C 32 27.59 -18.14 -15.82
C ASN C 32 26.91 -19.16 -16.75
N SER C 33 25.82 -19.76 -16.26
CA SER C 33 25.05 -20.72 -17.02
C SER C 33 23.73 -20.08 -17.46
N VAL C 34 23.36 -20.26 -18.72
CA VAL C 34 22.04 -19.85 -19.21
C VAL C 34 21.14 -21.07 -19.51
N HIS C 35 19.95 -21.09 -18.93
CA HIS C 35 19.01 -22.20 -19.15
C HIS C 35 17.75 -21.76 -19.88
N TRP C 36 17.07 -22.72 -20.53
CA TRP C 36 15.78 -22.47 -21.15
C TRP C 36 14.60 -23.08 -20.34
N VAL C 37 13.59 -22.25 -20.11
CA VAL C 37 12.39 -22.66 -19.42
C VAL C 37 11.21 -22.19 -20.25
N ARG C 38 10.27 -23.11 -20.53
CA ARG C 38 9.09 -22.81 -21.33
C ARG C 38 7.82 -22.94 -20.55
N GLN C 39 6.79 -22.26 -21.04
CA GLN C 39 5.50 -22.19 -20.36
C GLN C 39 4.36 -22.17 -21.38
N PRO C 40 3.78 -23.34 -21.67
CA PRO C 40 2.56 -23.36 -22.47
C PRO C 40 1.47 -22.52 -21.84
N PRO C 41 0.56 -21.98 -22.67
CA PRO C 41 -0.47 -21.09 -22.15
C PRO C 41 -1.36 -21.85 -21.21
N GLY C 42 -1.64 -21.26 -20.06
CA GLY C 42 -2.51 -21.89 -19.07
C GLY C 42 -1.77 -22.81 -18.10
N GLN C 43 -0.70 -23.45 -18.57
CA GLN C 43 0.05 -24.40 -17.77
C GLN C 43 1.20 -23.69 -17.05
N GLY C 44 2.12 -24.46 -16.46
CA GLY C 44 3.20 -23.93 -15.65
C GLY C 44 4.55 -23.96 -16.34
N LEU C 45 5.62 -24.11 -15.56
CA LEU C 45 7.00 -23.91 -16.04
C LEU C 45 7.79 -25.21 -16.16
N GLU C 46 8.34 -25.44 -17.35
CA GLU C 46 9.21 -26.59 -17.60
C GLU C 46 10.64 -26.17 -17.97
N TRP C 47 11.60 -26.64 -17.18
CA TRP C 47 13.01 -26.57 -17.54
C TRP C 47 13.33 -27.47 -18.73
N MET C 48 13.85 -26.85 -19.78
CA MET C 48 14.17 -27.56 -21.00
C MET C 48 15.61 -28.05 -21.02
N GLY C 49 16.53 -27.24 -20.50
CA GLY C 49 17.96 -27.56 -20.56
C GLY C 49 18.80 -26.33 -20.33
N GLY C 50 20.09 -26.41 -20.62
CA GLY C 50 20.95 -25.23 -20.59
C GLY C 50 22.41 -25.55 -20.70
N ILE C 51 23.20 -24.48 -20.87
CA ILE C 51 24.66 -24.51 -21.07
C ILE C 51 25.34 -23.89 -19.86
N TRP C 52 26.35 -24.55 -19.31
CA TRP C 52 27.05 -24.02 -18.12
C TRP C 52 28.29 -23.26 -18.54
N GLY C 53 28.85 -22.50 -17.60
CA GLY C 53 30.03 -21.69 -17.85
C GLY C 53 31.09 -22.35 -18.71
N ASP C 54 31.38 -23.62 -18.43
CA ASP C 54 32.47 -24.33 -19.13
C ASP C 54 32.09 -24.88 -20.52
N GLY C 55 30.86 -24.63 -20.94
CA GLY C 55 30.39 -25.06 -22.25
C GLY C 55 29.61 -26.36 -22.22
N ARG C 56 29.77 -27.16 -21.17
CA ARG C 56 29.00 -28.39 -21.07
C ARG C 56 27.52 -28.04 -20.94
N THR C 57 26.67 -28.94 -21.44
CA THR C 57 25.24 -28.74 -21.43
C THR C 57 24.56 -29.95 -20.81
N ASP C 58 23.36 -29.74 -20.27
CA ASP C 58 22.55 -30.83 -19.75
C ASP C 58 21.07 -30.56 -20.07
N TYR C 59 20.39 -31.53 -20.66
CA TYR C 59 18.99 -31.35 -21.09
C TYR C 59 17.95 -32.03 -20.17
N ASN C 60 16.69 -31.92 -20.56
CA ASN C 60 15.56 -32.54 -19.87
C ASN C 60 15.31 -33.92 -20.46
N SER C 61 15.22 -34.96 -19.62
CA SER C 61 15.10 -36.36 -20.09
C SER C 61 14.14 -36.48 -21.29
N ALA C 62 12.98 -35.83 -21.16
CA ALA C 62 11.93 -35.89 -22.17
C ALA C 62 12.31 -35.28 -23.51
N LEU C 63 13.16 -34.25 -23.50
CA LEU C 63 13.54 -33.54 -24.73
C LEU C 63 14.99 -33.74 -25.21
N LYS C 64 15.74 -34.64 -24.58
CA LYS C 64 17.14 -34.86 -24.97
C LYS C 64 17.28 -35.33 -26.42
N SER C 65 16.43 -36.27 -26.85
CA SER C 65 16.46 -36.76 -28.24
C SER C 65 16.17 -35.71 -29.32
N ARG C 66 15.62 -34.55 -28.93
CA ARG C 66 15.09 -33.56 -29.87
C ARG C 66 15.71 -32.15 -29.81
N LEU C 67 16.39 -31.82 -28.72
CA LEU C 67 16.75 -30.43 -28.42
C LEU C 67 18.25 -30.27 -28.37
N SER C 68 18.72 -29.13 -28.85
CA SER C 68 20.14 -28.84 -28.89
C SER C 68 20.38 -27.41 -28.41
N ILE C 69 21.32 -27.26 -27.47
CA ILE C 69 21.72 -25.96 -26.94
C ILE C 69 23.21 -25.68 -27.16
N SER C 70 23.51 -24.51 -27.75
CA SER C 70 24.86 -24.09 -28.10
C SER C 70 25.10 -22.64 -27.68
N ARG C 71 26.31 -22.12 -27.87
CA ARG C 71 26.57 -20.73 -27.51
C ARG C 71 27.69 -20.15 -28.33
N ASP C 72 27.74 -18.83 -28.35
CA ASP C 72 28.80 -18.08 -29.01
C ASP C 72 29.32 -17.02 -28.04
N THR C 73 30.27 -17.42 -27.21
CA THR C 73 30.77 -16.59 -26.14
C THR C 73 31.19 -15.19 -26.58
N SER C 74 31.78 -15.07 -27.76
CA SER C 74 32.18 -13.75 -28.25
C SER C 74 30.95 -12.95 -28.67
N LYS C 75 30.10 -13.53 -29.52
CA LYS C 75 28.90 -12.83 -29.97
C LYS C 75 27.91 -12.64 -28.80
N SER C 76 28.16 -13.35 -27.70
CA SER C 76 27.44 -13.18 -26.43
C SER C 76 26.03 -13.76 -26.47
N GLN C 77 25.92 -14.93 -27.11
CA GLN C 77 24.64 -15.52 -27.44
C GLN C 77 24.57 -16.98 -27.04
N VAL C 78 23.35 -17.40 -26.72
CA VAL C 78 23.00 -18.80 -26.54
C VAL C 78 21.85 -19.12 -27.48
N PHE C 79 21.95 -20.25 -28.18
CA PHE C 79 20.94 -20.67 -29.14
C PHE C 79 20.30 -21.96 -28.70
N LEU C 80 19.16 -22.28 -29.31
CA LEU C 80 18.38 -23.49 -29.02
C LEU C 80 17.83 -24.07 -30.31
N LYS C 81 18.12 -25.34 -30.56
CA LYS C 81 17.49 -26.04 -31.67
C LYS C 81 16.51 -27.07 -31.10
N MET C 82 15.28 -27.02 -31.60
CA MET C 82 14.28 -28.06 -31.34
C MET C 82 13.61 -28.39 -32.64
N ASN C 83 13.59 -29.67 -33.00
CA ASN C 83 12.95 -30.14 -34.24
C ASN C 83 11.76 -31.06 -33.95
N SER C 84 10.55 -30.57 -34.25
CA SER C 84 9.28 -31.34 -34.19
C SER C 84 8.31 -30.70 -33.22
N THR C 87 3.27 -29.17 -31.97
CA THR C 87 1.93 -28.69 -31.62
C THR C 87 1.85 -28.44 -30.12
N ASP C 88 2.25 -29.47 -29.36
CA ASP C 88 2.27 -29.43 -27.89
C ASP C 88 3.46 -28.58 -27.41
N ASP C 89 4.33 -28.20 -28.34
CA ASP C 89 5.48 -27.32 -28.07
C ASP C 89 5.13 -25.81 -28.16
N THR C 90 3.86 -25.51 -28.42
CA THR C 90 3.38 -24.12 -28.38
C THR C 90 3.52 -23.60 -26.97
N ALA C 91 4.22 -22.47 -26.81
CA ALA C 91 4.55 -21.95 -25.49
C ALA C 91 5.25 -20.62 -25.52
N ILE C 92 5.33 -20.00 -24.36
CA ILE C 92 6.24 -18.87 -24.18
C ILE C 92 7.61 -19.41 -23.74
N TYR C 93 8.66 -18.94 -24.41
CA TYR C 93 10.02 -19.44 -24.18
C TYR C 93 10.90 -18.39 -23.50
N PHE C 94 11.38 -18.73 -22.32
CA PHE C 94 12.25 -17.84 -21.55
C PHE C 94 13.67 -18.37 -21.56
N CYS C 95 14.65 -17.49 -21.69
CA CYS C 95 16.01 -17.86 -21.27
C CYS C 95 16.25 -17.26 -19.90
N THR C 96 17.09 -17.94 -19.12
CA THR C 96 17.40 -17.54 -17.74
C THR C 96 18.88 -17.68 -17.50
N ARG C 97 19.33 -17.24 -16.33
CA ARG C 97 20.72 -17.46 -15.95
C ARG C 97 20.85 -17.93 -14.51
N CYS C 98 21.81 -18.82 -14.28
CA CYS C 98 22.13 -19.30 -12.92
C CYS C 98 23.64 -19.16 -12.65
N ARG C 99 23.99 -18.69 -11.46
CA ARG C 99 25.37 -18.47 -11.09
C ARG C 99 25.76 -19.35 -9.87
N ARG C 100 26.94 -19.95 -9.94
CA ARG C 100 27.51 -20.75 -8.86
C ARG C 100 27.40 -20.01 -7.53
N ASP C 101 27.72 -18.71 -7.55
CA ASP C 101 27.69 -17.87 -6.33
C ASP C 101 26.43 -18.06 -5.51
N SER C 102 25.29 -18.27 -6.18
CA SER C 102 23.99 -18.40 -5.54
C SER C 102 23.47 -19.85 -5.57
N SER C 103 24.41 -20.80 -5.62
CA SER C 103 24.09 -22.23 -5.69
C SER C 103 23.14 -22.58 -6.87
N TYR C 104 23.29 -21.84 -7.97
CA TYR C 104 22.60 -22.06 -9.24
C TYR C 104 21.08 -21.89 -9.22
N VAL C 105 20.60 -20.99 -8.38
CA VAL C 105 19.19 -20.61 -8.42
C VAL C 105 18.96 -19.80 -9.73
N VAL C 106 17.74 -19.87 -10.26
CA VAL C 106 17.36 -19.06 -11.44
C VAL C 106 17.07 -17.64 -10.95
N ASP C 107 17.95 -16.69 -11.30
CA ASP C 107 17.88 -15.35 -10.73
C ASP C 107 17.64 -14.25 -11.75
N ALA C 108 17.40 -14.63 -13.01
CA ALA C 108 17.23 -13.67 -14.08
C ALA C 108 16.48 -14.30 -15.24
N TRP C 109 15.62 -13.53 -15.92
CA TRP C 109 14.79 -14.05 -16.99
C TRP C 109 14.60 -13.04 -18.09
N GLY C 110 14.71 -13.48 -19.34
CA GLY C 110 14.22 -12.71 -20.47
C GLY C 110 12.72 -12.43 -20.38
N GLN C 111 12.23 -11.63 -21.31
CA GLN C 111 10.83 -11.19 -21.36
C GLN C 111 9.90 -12.32 -21.69
N GLY C 112 10.30 -13.14 -22.64
CA GLY C 112 9.52 -14.27 -23.12
C GLY C 112 9.38 -14.18 -24.62
N ALA C 113 9.84 -15.21 -25.33
CA ALA C 113 9.58 -15.34 -26.75
C ALA C 113 8.38 -16.26 -26.95
N SER C 114 7.26 -15.72 -27.41
CA SER C 114 6.07 -16.54 -27.71
C SER C 114 6.32 -17.32 -28.97
N VAL C 115 5.96 -18.59 -28.96
CA VAL C 115 6.09 -19.43 -30.16
C VAL C 115 4.84 -20.31 -30.34
N THR C 116 4.16 -20.13 -31.48
CA THR C 116 3.04 -20.98 -31.87
C THR C 116 3.49 -21.95 -32.95
N VAL C 117 3.09 -23.22 -32.80
CA VAL C 117 3.48 -24.26 -33.75
C VAL C 117 2.22 -24.72 -34.44
N SER C 118 2.02 -24.27 -35.67
CA SER C 118 0.86 -24.68 -36.47
C SER C 118 1.22 -24.87 -37.93
N SER C 119 0.40 -25.68 -38.61
CA SER C 119 0.40 -25.77 -40.07
C SER C 119 -0.30 -24.53 -40.62
N ALA C 120 -1.39 -24.13 -39.97
CA ALA C 120 -2.09 -22.89 -40.27
C ALA C 120 -1.11 -21.78 -40.63
N LYS C 121 -1.54 -20.86 -41.48
CA LYS C 121 -0.66 -19.82 -41.99
C LYS C 121 -0.76 -18.55 -41.16
N THR C 122 0.29 -17.73 -41.28
CA THR C 122 0.31 -16.39 -40.72
C THR C 122 -0.77 -15.58 -41.42
N THR C 123 -1.70 -15.08 -40.62
CA THR C 123 -2.70 -14.13 -41.11
C THR C 123 -2.28 -12.78 -40.52
N PRO C 124 -3.15 -11.75 -40.56
CA PRO C 124 -2.73 -10.50 -39.94
C PRO C 124 -3.88 -9.74 -39.32
N LYS C 125 -3.55 -8.76 -38.47
CA LYS C 125 -4.59 -7.95 -37.82
C LYS C 125 -5.33 -7.08 -38.84
N LEU C 126 -6.65 -6.97 -38.66
CA LEU C 126 -7.43 -5.87 -39.21
C LEU C 126 -7.93 -5.13 -37.97
N VAL C 127 -7.50 -3.88 -37.81
CA VAL C 127 -7.83 -3.09 -36.60
C VAL C 127 -8.98 -2.12 -36.88
N TYR C 128 -9.75 -1.79 -35.85
CA TYR C 128 -10.84 -0.81 -35.94
C TYR C 128 -10.94 -0.01 -34.64
N PRO C 129 -11.48 1.22 -34.70
CA PRO C 129 -11.72 2.03 -33.50
C PRO C 129 -13.17 2.01 -33.04
N LEU C 130 -13.36 1.95 -31.72
CA LEU C 130 -14.71 1.91 -31.10
C LEU C 130 -14.95 3.19 -30.29
N ALA C 131 -15.98 3.94 -30.69
CA ALA C 131 -16.36 5.20 -30.04
C ALA C 131 -17.87 5.26 -29.88
N PRO C 132 -18.36 5.98 -28.84
CA PRO C 132 -19.81 6.08 -28.57
C PRO C 132 -20.66 6.41 -29.82
N VAL C 142 -17.52 8.38 -20.95
CA VAL C 142 -16.11 8.65 -20.65
C VAL C 142 -15.19 7.44 -20.96
N THR C 143 -15.63 6.55 -21.85
CA THR C 143 -14.89 5.31 -22.19
C THR C 143 -15.05 4.92 -23.67
N LEU C 144 -13.93 4.50 -24.29
CA LEU C 144 -13.88 4.12 -25.72
C LEU C 144 -12.72 3.17 -26.03
N GLY C 145 -12.86 2.34 -27.07
CA GLY C 145 -11.89 1.24 -27.32
C GLY C 145 -11.49 0.89 -28.75
N CYS C 146 -10.64 -0.12 -28.89
CA CYS C 146 -10.10 -0.56 -30.18
C CYS C 146 -10.45 -2.03 -30.44
N LEU C 147 -10.90 -2.34 -31.66
CA LEU C 147 -11.28 -3.70 -32.06
C LEU C 147 -10.25 -4.38 -32.97
N VAL C 148 -9.41 -5.24 -32.41
CA VAL C 148 -8.35 -5.89 -33.18
C VAL C 148 -8.78 -7.28 -33.68
N LYS C 149 -9.28 -7.34 -34.93
CA LYS C 149 -9.93 -8.54 -35.47
C LYS C 149 -9.13 -9.34 -36.52
N GLY C 150 -9.22 -10.66 -36.42
CA GLY C 150 -8.86 -11.57 -37.50
C GLY C 150 -7.44 -12.06 -37.66
N TYR C 151 -6.64 -11.97 -36.59
CA TYR C 151 -5.20 -12.27 -36.68
C TYR C 151 -4.83 -13.69 -36.23
N PHE C 152 -3.59 -14.05 -36.53
CA PHE C 152 -3.00 -15.31 -36.09
C PHE C 152 -1.51 -15.19 -36.29
N PRO C 153 -0.70 -15.64 -35.31
CA PRO C 153 -1.07 -16.28 -34.07
C PRO C 153 -0.95 -15.35 -32.87
N GLU C 154 -1.05 -15.92 -31.68
CA GLU C 154 -0.67 -15.20 -30.48
C GLU C 154 0.79 -14.68 -30.67
N PRO C 155 1.08 -13.43 -30.22
CA PRO C 155 0.20 -12.44 -29.67
C PRO C 155 0.07 -11.23 -30.55
N VAL C 156 -0.77 -10.29 -30.12
CA VAL C 156 -0.67 -8.90 -30.54
C VAL C 156 -0.38 -8.10 -29.29
N THR C 157 0.26 -6.95 -29.45
CA THR C 157 0.52 -6.05 -28.33
C THR C 157 -0.34 -4.80 -28.56
N VAL C 158 -0.97 -4.29 -27.49
CA VAL C 158 -1.79 -3.07 -27.60
C VAL C 158 -1.42 -2.01 -26.56
N THR C 159 -1.03 -0.83 -27.05
CA THR C 159 -0.60 0.31 -26.23
C THR C 159 -1.46 1.54 -26.55
N TRP C 160 -1.99 2.22 -25.53
CA TRP C 160 -2.71 3.48 -25.72
C TRP C 160 -1.75 4.70 -25.83
N ASN C 161 -1.78 5.39 -26.98
CA ASN C 161 -0.91 6.55 -27.23
C ASN C 161 0.54 6.28 -26.81
N SER C 162 1.12 5.23 -27.38
CA SER C 162 2.50 4.80 -27.11
C SER C 162 2.90 4.82 -25.62
N HIS C 170 -7.43 -1.59 -20.07
CA HIS C 170 -8.15 -2.85 -20.03
C HIS C 170 -8.07 -3.60 -21.36
N THR C 171 -7.00 -4.35 -21.60
CA THR C 171 -6.94 -5.22 -22.76
C THR C 171 -7.42 -6.61 -22.39
N PHE C 172 -8.44 -7.07 -23.09
CA PHE C 172 -9.07 -8.35 -22.77
C PHE C 172 -8.36 -9.43 -23.54
N PRO C 173 -8.38 -10.67 -23.03
CA PRO C 173 -7.70 -11.72 -23.77
C PRO C 173 -8.35 -11.98 -25.10
N ALA C 174 -7.57 -12.43 -26.06
CA ALA C 174 -8.07 -12.63 -27.40
C ALA C 174 -8.99 -13.84 -27.37
N VAL C 175 -9.91 -13.91 -28.34
CA VAL C 175 -10.75 -15.07 -28.48
C VAL C 175 -10.55 -15.60 -29.90
N LEU C 176 -10.46 -16.92 -30.00
CA LEU C 176 -10.23 -17.63 -31.24
C LEU C 176 -11.56 -17.93 -31.91
N GLN C 177 -11.64 -17.66 -33.22
CA GLN C 177 -12.90 -17.69 -33.98
C GLN C 177 -12.67 -18.17 -35.42
N SER C 178 -12.74 -19.50 -35.60
CA SER C 178 -12.51 -20.17 -36.89
C SER C 178 -11.07 -20.04 -37.38
N GLY C 179 -10.13 -20.09 -36.44
CA GLY C 179 -8.70 -20.07 -36.80
C GLY C 179 -8.02 -18.72 -36.70
N LEU C 180 -8.81 -17.65 -36.67
CA LEU C 180 -8.27 -16.29 -36.52
C LEU C 180 -8.67 -15.72 -35.15
N TYR C 181 -7.74 -15.01 -34.52
CA TYR C 181 -7.95 -14.40 -33.22
C TYR C 181 -8.60 -13.03 -33.35
N THR C 182 -9.24 -12.59 -32.27
CA THR C 182 -9.80 -11.25 -32.14
C THR C 182 -9.57 -10.73 -30.72
N LEU C 183 -9.30 -9.43 -30.60
CA LEU C 183 -8.92 -8.83 -29.32
C LEU C 183 -9.79 -7.61 -29.08
N THR C 184 -9.62 -6.96 -27.94
CA THR C 184 -10.26 -5.69 -27.64
C THR C 184 -9.53 -5.03 -26.49
N SER C 185 -9.55 -3.70 -26.47
CA SER C 185 -9.01 -2.92 -25.37
C SER C 185 -9.89 -1.70 -25.22
N SER C 186 -9.99 -1.17 -24.01
CA SER C 186 -10.88 -0.05 -23.72
C SER C 186 -10.20 0.94 -22.82
N VAL C 187 -10.08 2.18 -23.30
CA VAL C 187 -9.41 3.26 -22.56
C VAL C 187 -10.49 4.12 -21.92
N THR C 188 -10.18 4.67 -20.75
CA THR C 188 -11.16 5.43 -19.98
C THR C 188 -10.46 6.41 -19.04
N VAL C 197 -6.12 10.03 -28.57
CA VAL C 197 -6.30 8.64 -28.17
C VAL C 197 -6.13 7.73 -29.38
N THR C 198 -4.95 7.13 -29.49
CA THR C 198 -4.58 6.30 -30.63
C THR C 198 -3.95 5.00 -30.11
N CYS C 199 -4.64 3.88 -30.33
CA CYS C 199 -4.11 2.57 -29.94
C CYS C 199 -3.03 2.16 -30.90
N ASN C 200 -2.06 1.40 -30.40
CA ASN C 200 -0.95 0.95 -31.23
C ASN C 200 -0.88 -0.56 -31.23
N VAL C 201 -1.21 -1.17 -32.37
CA VAL C 201 -1.30 -2.63 -32.47
C VAL C 201 -0.10 -3.18 -33.21
N ALA C 202 0.52 -4.23 -32.67
CA ALA C 202 1.57 -4.96 -33.37
C ALA C 202 1.18 -6.41 -33.45
N HIS C 203 1.28 -7.00 -34.63
CA HIS C 203 1.17 -8.44 -34.78
C HIS C 203 2.46 -8.89 -35.48
N PRO C 204 3.46 -9.32 -34.69
CA PRO C 204 4.81 -9.62 -35.21
C PRO C 204 4.84 -10.71 -36.29
N ALA C 205 4.11 -11.80 -36.08
CA ALA C 205 4.14 -12.93 -37.01
C ALA C 205 3.82 -12.53 -38.48
N SER C 206 2.84 -11.65 -38.66
CA SER C 206 2.51 -11.11 -39.96
C SER C 206 3.39 -9.90 -40.32
N SER C 207 4.24 -9.49 -39.36
CA SER C 207 5.10 -8.30 -39.51
C SER C 207 4.25 -7.04 -39.53
N THR C 208 3.16 -7.07 -38.77
CA THR C 208 2.22 -5.98 -38.73
C THR C 208 2.57 -5.03 -37.60
N LYS C 209 2.41 -3.74 -37.87
CA LYS C 209 2.27 -2.74 -36.83
C LYS C 209 1.12 -1.85 -37.31
N VAL C 210 0.39 -1.24 -36.40
CA VAL C 210 -0.76 -0.43 -36.78
C VAL C 210 -1.20 0.52 -35.67
N ASP C 211 -1.35 1.80 -36.00
CA ASP C 211 -1.78 2.81 -35.05
C ASP C 211 -3.19 3.29 -35.42
N LYS C 212 -4.17 3.10 -34.54
CA LYS C 212 -5.55 3.55 -34.81
C LYS C 212 -5.79 4.97 -34.28
N LYS C 213 -6.99 5.50 -34.53
CA LYS C 213 -7.32 6.87 -34.10
C LYS C 213 -8.71 6.92 -33.49
N GLU D 1 14.45 19.56 14.59
CA GLU D 1 13.05 19.27 14.18
C GLU D 1 12.04 20.12 15.01
N VAL D 2 10.98 20.61 14.37
CA VAL D 2 9.92 21.39 15.07
C VAL D 2 9.00 20.53 15.97
N LYS D 3 8.84 20.95 17.22
CA LYS D 3 8.06 20.19 18.22
C LYS D 3 7.21 21.10 19.13
N LEU D 4 5.97 20.66 19.39
CA LEU D 4 5.10 21.32 20.36
C LEU D 4 4.54 20.30 21.35
N GLN D 5 4.55 20.63 22.63
CA GLN D 5 3.99 19.72 23.63
C GLN D 5 3.04 20.48 24.56
N GLU D 6 1.76 20.12 24.55
CA GLU D 6 0.79 20.61 25.54
C GLU D 6 1.02 19.89 26.88
N SER D 7 0.87 20.60 27.99
CA SER D 7 0.97 19.96 29.30
C SER D 7 0.13 20.70 30.32
N GLY D 8 0.00 20.09 31.50
CA GLY D 8 -0.80 20.67 32.58
C GLY D 8 -1.98 19.77 32.92
N PRO D 9 -2.73 20.10 33.98
CA PRO D 9 -3.64 19.12 34.51
C PRO D 9 -4.75 18.79 33.54
N SER D 10 -4.95 17.49 33.33
CA SER D 10 -5.90 16.96 32.38
C SER D 10 -7.23 16.51 33.03
N LEU D 11 -7.61 17.16 34.12
CA LEU D 11 -8.90 16.97 34.82
C LEU D 11 -9.25 18.27 35.58
N VAL D 12 -10.34 18.93 35.20
CA VAL D 12 -10.66 20.22 35.78
C VAL D 12 -12.12 20.27 36.25
N GLN D 13 -12.34 20.76 37.45
CA GLN D 13 -13.67 20.91 37.99
C GLN D 13 -14.39 22.05 37.26
N PRO D 14 -15.70 21.91 37.03
CA PRO D 14 -16.50 22.98 36.41
C PRO D 14 -16.27 24.37 37.03
N SER D 15 -16.16 24.41 38.35
CA SER D 15 -15.87 25.66 39.04
C SER D 15 -14.60 26.31 38.48
N GLN D 16 -13.57 25.48 38.35
CA GLN D 16 -12.20 25.95 38.30
C GLN D 16 -11.78 26.55 36.95
N THR D 17 -10.47 26.77 36.81
CA THR D 17 -9.87 27.37 35.61
C THR D 17 -8.92 26.38 34.96
N LEU D 18 -8.97 26.28 33.64
CA LEU D 18 -8.00 25.48 32.91
C LEU D 18 -6.71 26.27 32.71
N SER D 19 -5.58 25.59 32.86
CA SER D 19 -4.29 26.16 32.54
C SER D 19 -3.47 25.14 31.81
N LEU D 20 -3.17 25.38 30.54
CA LEU D 20 -2.30 24.50 29.79
C LEU D 20 -1.06 25.27 29.40
N THR D 21 0.06 24.57 29.40
CA THR D 21 1.31 25.12 28.94
C THR D 21 1.70 24.38 27.65
N CYS D 22 2.21 25.14 26.69
CA CYS D 22 2.76 24.58 25.45
C CYS D 22 4.23 24.95 25.37
N THR D 23 5.09 23.94 25.30
CA THR D 23 6.54 24.16 25.24
C THR D 23 7.01 23.86 23.84
N VAL D 24 7.42 24.90 23.12
CA VAL D 24 7.79 24.72 21.75
C VAL D 24 9.28 24.44 21.68
N SER D 25 9.71 23.88 20.55
CA SER D 25 11.09 23.48 20.32
C SER D 25 11.34 23.40 18.82
N GLY D 26 12.51 23.83 18.38
CA GLY D 26 12.80 23.87 16.94
C GLY D 26 12.52 25.21 16.29
N PHE D 27 11.91 26.14 17.04
CA PHE D 27 11.64 27.46 16.51
C PHE D 27 11.45 28.45 17.62
N SER D 28 11.49 29.74 17.28
CA SER D 28 11.35 30.83 18.25
C SER D 28 9.96 31.47 18.20
N LEU D 29 9.47 31.80 19.40
CA LEU D 29 8.22 32.54 19.54
C LEU D 29 8.33 33.99 19.03
N THR D 30 9.52 34.55 19.02
CA THR D 30 9.77 35.87 18.43
C THR D 30 9.30 35.89 16.97
N SER D 31 9.58 34.78 16.28
CA SER D 31 9.42 34.64 14.82
C SER D 31 8.18 33.83 14.38
N ASN D 32 7.38 33.33 15.33
CA ASN D 32 6.23 32.47 14.98
C ASN D 32 5.01 32.70 15.85
N SER D 33 3.84 32.38 15.31
CA SER D 33 2.56 32.43 16.05
C SER D 33 2.39 31.09 16.72
N VAL D 34 1.68 31.06 17.82
CA VAL D 34 1.23 29.81 18.39
C VAL D 34 -0.25 29.97 18.70
N HIS D 35 -1.05 29.04 18.20
CA HIS D 35 -2.50 29.15 18.25
C HIS D 35 -3.06 27.88 18.90
N TRP D 36 -4.10 28.00 19.70
CA TRP D 36 -4.74 26.80 20.28
C TRP D 36 -6.04 26.40 19.55
N VAL D 37 -6.10 25.15 19.13
CA VAL D 37 -7.31 24.62 18.48
C VAL D 37 -7.77 23.53 19.39
N ARG D 38 -9.08 23.39 19.58
CA ARG D 38 -9.62 22.28 20.37
C ARG D 38 -10.64 21.40 19.63
N GLN D 39 -10.81 20.19 20.13
CA GLN D 39 -11.66 19.20 19.51
C GLN D 39 -12.43 18.37 20.57
N PRO D 40 -13.73 18.66 20.77
CA PRO D 40 -14.57 17.85 21.63
C PRO D 40 -14.77 16.44 21.08
N PRO D 41 -15.09 15.48 21.96
CA PRO D 41 -15.26 14.06 21.58
C PRO D 41 -16.15 13.88 20.34
N GLY D 42 -15.58 13.34 19.27
CA GLY D 42 -16.37 13.02 18.06
C GLY D 42 -16.86 14.23 17.27
N GLN D 43 -16.24 15.39 17.51
CA GLN D 43 -16.64 16.65 16.88
C GLN D 43 -15.47 17.26 16.08
N GLY D 44 -15.72 18.43 15.50
CA GLY D 44 -14.77 19.05 14.60
C GLY D 44 -13.70 19.82 15.33
N LEU D 45 -12.98 20.67 14.62
CA LEU D 45 -11.88 21.40 15.20
C LEU D 45 -12.30 22.84 15.37
N GLU D 46 -11.86 23.46 16.46
CA GLU D 46 -12.18 24.86 16.73
C GLU D 46 -10.95 25.67 17.12
N TRP D 47 -10.71 26.74 16.38
CA TRP D 47 -9.63 27.66 16.72
C TRP D 47 -10.14 28.52 17.87
N MET D 48 -9.38 28.57 18.95
CA MET D 48 -9.76 29.30 20.14
C MET D 48 -9.15 30.69 20.14
N GLY D 49 -7.90 30.80 19.70
CA GLY D 49 -7.17 32.05 19.84
C GLY D 49 -5.70 31.82 19.57
N GLY D 50 -4.91 32.90 19.64
CA GLY D 50 -3.50 32.83 19.28
C GLY D 50 -2.66 34.00 19.74
N ILE D 51 -1.34 33.75 19.82
CA ILE D 51 -0.39 34.78 20.14
C ILE D 51 0.64 34.83 19.00
N TRP D 52 0.73 35.99 18.34
CA TRP D 52 1.62 36.13 17.18
C TRP D 52 3.02 36.41 17.66
N GLY D 53 3.97 36.39 16.74
CA GLY D 53 5.36 36.67 17.10
C GLY D 53 5.51 38.00 17.81
N ASP D 54 4.84 39.03 17.29
CA ASP D 54 4.77 40.40 17.83
C ASP D 54 4.47 40.47 19.34
N GLY D 55 3.77 39.46 19.84
CA GLY D 55 3.31 39.46 21.23
C GLY D 55 1.83 39.72 21.33
N ARG D 56 1.27 40.37 20.30
CA ARG D 56 -0.18 40.65 20.26
C ARG D 56 -0.97 39.34 20.22
N THR D 57 -2.25 39.39 20.58
CA THR D 57 -3.09 38.20 20.57
C THR D 57 -4.46 38.42 19.92
N ASP D 58 -5.11 37.32 19.55
CA ASP D 58 -6.48 37.33 19.09
C ASP D 58 -7.17 36.08 19.63
N TYR D 59 -8.50 36.15 19.71
CA TYR D 59 -9.30 35.10 20.31
C TYR D 59 -10.55 34.78 19.51
N ASN D 60 -11.11 33.60 19.70
CA ASN D 60 -12.41 33.33 19.18
C ASN D 60 -13.41 34.19 19.92
N SER D 61 -14.21 34.96 19.19
CA SER D 61 -15.18 35.88 19.82
C SER D 61 -16.08 35.18 20.81
N ALA D 62 -16.43 33.92 20.54
CA ALA D 62 -17.18 33.10 21.49
C ALA D 62 -16.45 32.87 22.82
N LEU D 63 -15.13 33.02 22.87
CA LEU D 63 -14.37 32.76 24.10
C LEU D 63 -13.56 33.95 24.61
N LYS D 64 -13.58 35.11 23.94
CA LYS D 64 -12.79 36.27 24.38
C LYS D 64 -13.02 36.57 25.87
N SER D 65 -14.27 36.49 26.32
CA SER D 65 -14.62 36.75 27.71
C SER D 65 -13.86 35.89 28.75
N ARG D 66 -13.54 34.65 28.37
CA ARG D 66 -13.00 33.65 29.30
C ARG D 66 -11.56 33.29 29.06
N LEU D 67 -11.07 33.49 27.85
CA LEU D 67 -9.79 32.93 27.44
C LEU D 67 -8.69 33.97 27.50
N SER D 68 -7.51 33.50 27.88
CA SER D 68 -6.36 34.35 28.01
C SER D 68 -5.18 33.53 27.51
N ILE D 69 -4.48 34.06 26.52
CA ILE D 69 -3.31 33.42 25.94
C ILE D 69 -2.13 34.38 26.11
N SER D 70 -1.07 33.88 26.74
CA SER D 70 0.09 34.69 27.10
C SER D 70 1.34 33.93 26.63
N ARG D 71 2.53 34.37 27.01
CA ARG D 71 3.73 33.58 26.72
C ARG D 71 4.95 34.04 27.49
N ASP D 72 5.97 33.18 27.48
CA ASP D 72 7.30 33.47 27.96
C ASP D 72 8.30 33.12 26.85
N THR D 73 8.72 34.14 26.11
CA THR D 73 9.62 33.93 24.97
C THR D 73 10.92 33.20 25.34
N SER D 74 11.51 33.57 26.47
CA SER D 74 12.80 32.99 26.86
C SER D 74 12.69 31.50 27.15
N LYS D 75 11.63 31.09 27.83
CA LYS D 75 11.42 29.69 28.23
C LYS D 75 10.77 28.85 27.12
N SER D 76 10.50 29.49 25.97
CA SER D 76 9.86 28.84 24.83
C SER D 76 8.52 28.24 25.19
N GLN D 77 7.77 28.97 26.02
CA GLN D 77 6.47 28.53 26.53
C GLN D 77 5.33 29.49 26.14
N VAL D 78 4.23 28.92 25.66
CA VAL D 78 2.97 29.64 25.47
C VAL D 78 1.88 29.07 26.39
N PHE D 79 1.19 29.95 27.10
CA PHE D 79 0.23 29.59 28.14
C PHE D 79 -1.19 29.92 27.76
N LEU D 80 -2.10 29.00 28.05
CA LEU D 80 -3.55 29.21 27.94
C LEU D 80 -4.20 29.19 29.31
N LYS D 81 -5.10 30.14 29.56
CA LYS D 81 -5.94 30.11 30.75
C LYS D 81 -7.40 30.39 30.34
N MET D 82 -8.29 29.47 30.63
CA MET D 82 -9.69 29.68 30.31
C MET D 82 -10.48 29.54 31.58
N ASN D 83 -11.45 30.41 31.81
CA ASN D 83 -12.24 30.31 33.04
C ASN D 83 -13.76 30.10 32.80
N SER D 84 -14.53 30.07 33.90
CA SER D 84 -15.95 29.75 33.84
C SER D 84 -16.16 28.51 32.98
N LEU D 85 -15.42 27.44 33.25
CA LEU D 85 -15.54 26.20 32.46
C LEU D 85 -16.91 25.52 32.62
N GLN D 86 -17.25 24.67 31.65
CA GLN D 86 -18.47 23.90 31.68
C GLN D 86 -18.16 22.53 31.11
N THR D 87 -19.04 21.57 31.35
CA THR D 87 -18.82 20.18 30.90
C THR D 87 -18.41 20.17 29.43
N ASP D 88 -19.09 20.95 28.59
CA ASP D 88 -18.84 21.03 27.16
C ASP D 88 -17.52 21.68 26.73
N ASP D 89 -16.66 22.04 27.68
CA ASP D 89 -15.28 22.41 27.38
C ASP D 89 -14.36 21.22 27.41
N THR D 90 -14.92 20.03 27.60
CA THR D 90 -14.13 18.80 27.59
C THR D 90 -13.69 18.52 26.18
N ALA D 91 -12.40 18.38 25.97
CA ALA D 91 -11.93 18.16 24.63
C ALA D 91 -10.45 17.89 24.64
N ILE D 92 -9.93 17.58 23.46
CA ILE D 92 -8.50 17.53 23.26
C ILE D 92 -8.03 18.91 22.84
N TYR D 93 -7.15 19.50 23.65
CA TYR D 93 -6.64 20.85 23.40
C TYR D 93 -5.30 20.74 22.71
N PHE D 94 -5.30 21.14 21.44
CA PHE D 94 -4.09 21.09 20.63
C PHE D 94 -3.35 22.41 20.68
N CYS D 95 -2.04 22.28 20.77
CA CYS D 95 -1.07 23.35 20.61
C CYS D 95 -0.59 23.30 19.17
N THR D 96 -0.29 24.46 18.60
CA THR D 96 -0.17 24.60 17.13
C THR D 96 0.67 25.81 16.76
N ARG D 97 1.31 25.79 15.59
CA ARG D 97 1.98 27.01 15.10
C ARG D 97 1.75 27.34 13.64
N CYS D 98 1.80 28.64 13.33
CA CYS D 98 1.69 29.18 11.95
C CYS D 98 2.78 30.25 11.67
N ARG D 99 3.45 30.15 10.50
CA ARG D 99 4.53 31.07 10.09
C ARG D 99 4.13 31.99 8.92
N ARG D 100 4.60 33.25 8.98
CA ARG D 100 4.39 34.24 7.90
C ARG D 100 4.77 33.70 6.54
N ASP D 101 5.89 33.00 6.47
CA ASP D 101 6.42 32.52 5.17
C ASP D 101 5.43 31.61 4.44
N SER D 102 4.62 30.87 5.21
CA SER D 102 3.67 29.91 4.65
C SER D 102 2.26 30.52 4.62
N SER D 103 2.20 31.83 4.86
CA SER D 103 0.97 32.63 4.87
C SER D 103 0.08 32.23 6.05
N TYR D 104 0.71 31.94 7.18
CA TYR D 104 0.02 31.64 8.44
C TYR D 104 -0.88 30.38 8.43
N VAL D 105 -0.58 29.45 7.53
CA VAL D 105 -1.20 28.13 7.53
C VAL D 105 -0.75 27.38 8.79
N VAL D 106 -1.61 26.53 9.36
CA VAL D 106 -1.24 25.69 10.51
C VAL D 106 -0.42 24.47 10.03
N ASP D 107 0.84 24.39 10.43
CA ASP D 107 1.71 23.36 9.88
C ASP D 107 2.36 22.42 10.90
N ALA D 108 2.17 22.73 12.18
CA ALA D 108 2.71 21.92 13.27
C ALA D 108 1.66 21.82 14.38
N TRP D 109 1.53 20.64 14.97
CA TRP D 109 0.56 20.39 16.02
C TRP D 109 1.23 19.63 17.12
N GLY D 110 0.86 19.92 18.37
CA GLY D 110 1.26 19.09 19.47
C GLY D 110 0.45 17.80 19.43
N GLN D 111 0.67 16.95 20.43
CA GLN D 111 0.02 15.65 20.53
C GLN D 111 -1.44 15.87 20.97
N GLY D 112 -1.63 16.97 21.69
CA GLY D 112 -2.94 17.31 22.26
C GLY D 112 -3.01 16.89 23.71
N ALA D 113 -3.68 17.69 24.52
CA ALA D 113 -3.92 17.38 25.95
C ALA D 113 -5.40 17.03 26.20
N SER D 114 -5.70 15.83 26.70
CA SER D 114 -7.09 15.50 27.02
C SER D 114 -7.41 16.38 28.19
N VAL D 115 -8.52 17.09 28.11
CA VAL D 115 -9.02 17.84 29.25
C VAL D 115 -10.44 17.38 29.47
N THR D 116 -10.69 16.80 30.64
CA THR D 116 -12.05 16.42 31.04
C THR D 116 -12.53 17.41 32.08
N VAL D 117 -13.63 18.11 31.81
CA VAL D 117 -14.19 18.97 32.83
C VAL D 117 -15.29 18.23 33.58
N SER D 118 -14.96 17.77 34.78
CA SER D 118 -15.85 16.95 35.58
C SER D 118 -15.67 17.28 37.04
N SER D 119 -16.70 17.01 37.81
CA SER D 119 -16.62 17.20 39.25
C SER D 119 -16.14 15.92 39.90
N ALA D 120 -16.03 14.85 39.11
CA ALA D 120 -15.62 13.55 39.60
C ALA D 120 -14.12 13.46 39.81
N LYS D 121 -13.74 12.64 40.77
CA LYS D 121 -12.37 12.55 41.25
C LYS D 121 -11.60 11.56 40.41
N THR D 122 -10.27 11.59 40.48
CA THR D 122 -9.44 10.61 39.76
C THR D 122 -9.47 9.26 40.46
N THR D 123 -9.47 8.18 39.69
CA THR D 123 -9.53 6.83 40.23
C THR D 123 -8.81 5.85 39.32
N PRO D 124 -7.96 4.98 39.87
CA PRO D 124 -7.26 3.98 39.10
C PRO D 124 -8.02 2.72 38.83
N LYS D 125 -7.70 2.13 37.68
CA LYS D 125 -8.29 0.91 37.23
C LYS D 125 -7.92 -0.24 38.18
N LEU D 126 -8.84 -1.19 38.35
CA LEU D 126 -8.48 -2.53 38.78
C LEU D 126 -8.38 -3.30 37.47
N VAL D 127 -7.32 -4.09 37.33
CA VAL D 127 -7.06 -4.84 36.10
C VAL D 127 -7.25 -6.32 36.34
N TYR D 128 -8.14 -6.95 35.59
CA TYR D 128 -8.40 -8.37 35.79
C TYR D 128 -8.04 -9.21 34.58
N PRO D 129 -7.51 -10.41 34.83
CA PRO D 129 -7.10 -11.29 33.74
C PRO D 129 -8.33 -11.89 33.11
N LEU D 130 -8.33 -11.96 31.80
CA LEU D 130 -9.45 -12.52 31.08
C LEU D 130 -8.93 -13.73 30.28
N ALA D 131 -9.29 -14.93 30.74
CA ALA D 131 -8.85 -16.18 30.12
C ALA D 131 -10.02 -17.16 29.97
N PRO D 132 -9.91 -18.09 28.99
CA PRO D 132 -11.02 -18.99 28.63
C PRO D 132 -11.31 -20.04 29.71
N VAL D 142 -6.10 -19.16 20.16
CA VAL D 142 -6.99 -18.68 21.23
C VAL D 142 -6.94 -17.16 21.48
N THR D 143 -8.02 -16.64 22.03
CA THR D 143 -8.12 -15.23 22.38
C THR D 143 -8.13 -15.08 23.91
N LEU D 144 -7.36 -14.13 24.42
CA LEU D 144 -7.36 -13.75 25.83
C LEU D 144 -7.73 -12.27 25.97
N GLY D 145 -7.99 -11.84 27.20
CA GLY D 145 -8.30 -10.43 27.46
C GLY D 145 -7.85 -9.82 28.78
N CYS D 146 -7.96 -8.50 28.82
CA CYS D 146 -7.63 -7.67 29.96
C CYS D 146 -8.92 -6.93 30.30
N LEU D 147 -9.34 -6.95 31.55
CA LEU D 147 -10.45 -6.09 31.94
C LEU D 147 -9.91 -4.95 32.80
N VAL D 148 -10.01 -3.72 32.29
CA VAL D 148 -9.58 -2.54 33.04
C VAL D 148 -10.78 -1.78 33.58
N LYS D 149 -11.14 -2.00 34.85
CA LYS D 149 -12.44 -1.52 35.36
C LYS D 149 -12.39 -0.37 36.37
N GLY D 150 -13.19 0.65 36.10
CA GLY D 150 -13.44 1.71 37.07
C GLY D 150 -12.29 2.67 37.29
N TYR D 151 -11.94 3.40 36.24
CA TYR D 151 -10.96 4.46 36.35
C TYR D 151 -11.53 5.80 35.90
N PHE D 152 -10.90 6.87 36.34
CA PHE D 152 -11.30 8.21 35.93
C PHE D 152 -10.14 9.18 36.09
N PRO D 153 -9.96 10.10 35.12
CA PRO D 153 -10.64 10.24 33.86
C PRO D 153 -9.91 9.46 32.79
N GLU D 154 -10.31 9.65 31.53
CA GLU D 154 -9.58 9.10 30.40
C GLU D 154 -8.28 9.85 30.12
N PRO D 155 -7.30 9.16 29.53
CA PRO D 155 -7.37 7.82 29.00
C PRO D 155 -6.48 6.83 29.70
N VAL D 156 -6.57 5.57 29.28
CA VAL D 156 -5.57 4.56 29.59
C VAL D 156 -4.94 4.02 28.29
N THR D 157 -3.69 3.60 28.38
CA THR D 157 -3.01 2.93 27.29
C THR D 157 -2.87 1.46 27.71
N VAL D 158 -3.24 0.55 26.80
CA VAL D 158 -3.04 -0.88 27.00
C VAL D 158 -2.07 -1.42 25.95
N THR D 159 -1.10 -2.22 26.37
CA THR D 159 -0.21 -2.93 25.44
C THR D 159 -0.08 -4.38 25.91
N TRP D 160 0.32 -5.26 25.01
CA TRP D 160 0.51 -6.67 25.36
C TRP D 160 1.97 -7.06 25.16
N ASN D 161 2.48 -7.85 26.11
CA ASN D 161 3.91 -8.17 26.19
C ASN D 161 4.77 -7.01 25.75
N SER D 162 4.45 -5.84 26.30
CA SER D 162 5.20 -4.64 26.03
C SER D 162 5.44 -4.40 24.54
N GLY D 163 4.52 -4.88 23.69
CA GLY D 163 4.66 -4.71 22.23
C GLY D 163 4.90 -5.94 21.35
N ALA D 164 4.23 -7.06 21.64
CA ALA D 164 4.00 -8.11 20.64
C ALA D 164 2.50 -8.12 20.28
N LEU D 165 2.15 -7.30 19.28
CA LEU D 165 0.76 -7.04 18.81
C LEU D 165 0.19 -8.16 17.93
N VAL D 169 -4.53 -7.92 18.22
CA VAL D 169 -4.80 -7.10 19.40
C VAL D 169 -5.81 -5.99 19.16
N HIS D 170 -6.85 -5.96 19.99
CA HIS D 170 -7.90 -4.95 19.92
C HIS D 170 -8.12 -4.37 21.30
N THR D 171 -8.09 -3.05 21.39
CA THR D 171 -8.43 -2.34 22.61
C THR D 171 -9.65 -1.46 22.32
N PHE D 172 -10.74 -1.76 23.01
CA PHE D 172 -12.01 -1.18 22.64
C PHE D 172 -12.18 0.16 23.34
N PRO D 173 -13.08 1.01 22.83
CA PRO D 173 -13.30 2.27 23.50
C PRO D 173 -13.92 2.03 24.87
N ALA D 174 -13.53 2.83 25.85
CA ALA D 174 -14.08 2.70 27.18
C ALA D 174 -15.53 3.17 27.16
N VAL D 175 -16.30 2.61 28.07
CA VAL D 175 -17.70 2.96 28.25
C VAL D 175 -17.82 3.45 29.68
N LEU D 176 -18.77 4.36 29.91
CA LEU D 176 -18.92 5.03 31.20
C LEU D 176 -20.13 4.47 31.95
N GLN D 177 -19.89 3.92 33.14
CA GLN D 177 -20.98 3.39 33.97
C GLN D 177 -20.85 3.90 35.40
N SER D 178 -21.76 4.81 35.76
CA SER D 178 -21.85 5.37 37.11
C SER D 178 -20.61 6.17 37.51
N GLY D 179 -20.17 7.03 36.59
CA GLY D 179 -19.07 7.98 36.83
C GLY D 179 -17.65 7.44 36.65
N LEU D 180 -17.53 6.19 36.25
CA LEU D 180 -16.23 5.53 36.17
C LEU D 180 -16.12 4.86 34.81
N TYR D 181 -14.92 4.78 34.24
CA TYR D 181 -14.72 4.13 32.92
C TYR D 181 -14.32 2.66 33.02
N THR D 182 -14.83 1.86 32.08
CA THR D 182 -14.32 0.51 31.89
C THR D 182 -13.87 0.30 30.46
N LEU D 183 -12.83 -0.49 30.31
CA LEU D 183 -12.26 -0.81 29.02
C LEU D 183 -11.82 -2.26 29.04
N THR D 184 -11.84 -2.88 27.86
CA THR D 184 -11.28 -4.22 27.69
C THR D 184 -10.35 -4.22 26.50
N SER D 185 -9.40 -5.13 26.52
CA SER D 185 -8.49 -5.33 25.39
C SER D 185 -8.24 -6.81 25.21
N SER D 186 -8.26 -7.26 23.95
CA SER D 186 -7.97 -8.66 23.62
C SER D 186 -6.67 -8.77 22.81
N VAL D 187 -5.99 -9.91 22.93
CA VAL D 187 -4.85 -10.28 22.08
C VAL D 187 -5.09 -11.71 21.70
N THR D 188 -4.85 -12.05 20.43
CA THR D 188 -5.07 -13.42 19.93
C THR D 188 -3.75 -14.11 19.59
N SER D 189 -3.71 -15.42 19.86
CA SER D 189 -2.50 -16.27 19.86
C SER D 189 -2.88 -17.75 19.58
N SER D 190 -1.90 -18.67 19.70
CA SER D 190 -2.12 -20.10 19.45
C SER D 190 -1.54 -21.05 20.51
N THR D 191 -0.25 -20.86 20.86
CA THR D 191 0.45 -21.75 21.80
C THR D 191 0.34 -21.17 23.22
N TRP D 192 0.65 -19.89 23.37
CA TRP D 192 0.29 -19.14 24.58
C TRP D 192 1.14 -19.55 25.79
N VAL D 197 1.60 -14.50 28.14
CA VAL D 197 1.25 -13.14 27.73
C VAL D 197 0.80 -12.31 28.94
N THR D 198 1.30 -11.08 29.02
CA THR D 198 0.95 -10.16 30.10
C THR D 198 0.38 -8.84 29.58
N CYS D 199 -0.68 -8.36 30.24
CA CYS D 199 -1.23 -7.02 30.04
C CYS D 199 -0.33 -5.94 30.57
N ASN D 200 -0.28 -4.81 29.88
CA ASN D 200 0.36 -3.63 30.40
C ASN D 200 -0.62 -2.50 30.37
N VAL D 201 -1.18 -2.18 31.56
CA VAL D 201 -2.14 -1.08 31.69
C VAL D 201 -1.45 0.12 32.33
N ALA D 202 -1.73 1.32 31.82
CA ALA D 202 -1.18 2.55 32.40
C ALA D 202 -2.24 3.64 32.51
N HIS D 203 -2.22 4.38 33.60
CA HIS D 203 -3.22 5.41 33.81
C HIS D 203 -2.58 6.73 34.27
N PRO D 204 -2.09 7.52 33.29
CA PRO D 204 -1.38 8.76 33.58
C PRO D 204 -1.95 9.48 34.78
N ALA D 205 -3.24 9.79 34.72
CA ALA D 205 -3.92 10.65 35.70
C ALA D 205 -3.66 10.24 37.12
N SER D 206 -3.62 8.93 37.37
CA SER D 206 -3.41 8.40 38.70
C SER D 206 -2.04 7.75 38.86
N SER D 207 -1.09 8.13 38.02
CA SER D 207 0.24 7.52 38.00
C SER D 207 0.18 6.01 38.30
N THR D 208 -0.73 5.32 37.62
CA THR D 208 -0.95 3.89 37.80
C THR D 208 -0.32 3.16 36.60
N LYS D 209 0.31 2.02 36.88
CA LYS D 209 0.98 1.22 35.85
C LYS D 209 1.03 -0.22 36.34
N VAL D 210 0.23 -1.09 35.73
CA VAL D 210 0.04 -2.46 36.21
C VAL D 210 0.35 -3.44 35.11
N ASP D 211 0.71 -4.66 35.50
CA ASP D 211 0.93 -5.75 34.57
C ASP D 211 0.11 -6.95 34.98
N LYS D 212 -0.66 -7.51 34.05
CA LYS D 212 -1.48 -8.68 34.37
C LYS D 212 -1.17 -9.84 33.43
N LYS D 213 -0.25 -10.67 33.86
CA LYS D 213 -0.04 -11.98 33.25
C LYS D 213 -1.36 -12.70 33.45
N LEU D 214 -1.91 -13.31 32.41
CA LEU D 214 -3.09 -14.13 32.61
C LEU D 214 -2.80 -15.61 32.46
N GLU D 215 -2.79 -16.27 33.62
CA GLU D 215 -2.44 -17.66 33.73
C GLU D 215 -3.64 -18.50 33.29
N ARG D 216 -3.63 -19.77 33.69
CA ARG D 216 -4.63 -20.77 33.31
C ARG D 216 -4.56 -21.04 31.82
N ASP E 1 14.08 -37.73 -10.83
CA ASP E 1 13.37 -36.42 -10.79
C ASP E 1 12.80 -36.17 -9.39
N ILE E 2 12.83 -34.93 -8.96
CA ILE E 2 12.23 -34.54 -7.71
C ILE E 2 10.83 -33.98 -8.05
N LEU E 3 9.79 -34.52 -7.44
CA LEU E 3 8.46 -34.03 -7.75
C LEU E 3 8.11 -32.92 -6.73
N MET E 4 7.65 -31.77 -7.20
CA MET E 4 7.23 -30.71 -6.32
C MET E 4 5.70 -30.61 -6.20
N THR E 5 5.16 -30.85 -5.02
CA THR E 5 3.72 -30.74 -4.85
C THR E 5 3.34 -29.47 -4.11
N GLN E 6 2.96 -28.46 -4.90
CA GLN E 6 2.56 -27.14 -4.39
C GLN E 6 1.06 -27.06 -4.13
N SER E 7 0.67 -26.60 -2.95
CA SER E 7 -0.74 -26.37 -2.68
C SER E 7 -0.92 -25.11 -1.88
N PRO E 8 -2.11 -24.47 -2.00
CA PRO E 8 -3.22 -24.91 -2.84
C PRO E 8 -3.03 -24.45 -4.27
N LEU E 9 -3.71 -25.14 -5.20
CA LEU E 9 -3.67 -24.74 -6.63
C LEU E 9 -4.08 -23.28 -6.84
N SER E 10 -4.83 -22.73 -5.89
CA SER E 10 -5.60 -21.53 -6.06
C SER E 10 -5.92 -21.00 -4.69
N LEU E 11 -5.86 -19.68 -4.52
CA LEU E 11 -6.11 -19.13 -3.21
C LEU E 11 -6.71 -17.76 -3.33
N SER E 12 -7.68 -17.47 -2.48
CA SER E 12 -8.40 -16.23 -2.55
C SER E 12 -8.52 -15.62 -1.17
N ALA E 13 -7.79 -14.55 -0.93
CA ALA E 13 -7.68 -14.01 0.40
C ALA E 13 -8.22 -12.60 0.41
N SER E 14 -8.65 -12.13 1.59
CA SER E 14 -9.02 -10.74 1.76
C SER E 14 -7.75 -9.96 1.84
N LEU E 15 -7.85 -8.67 1.57
CA LEU E 15 -6.70 -7.78 1.69
C LEU E 15 -6.40 -7.61 3.17
N GLY E 16 -5.12 -7.70 3.53
CA GLY E 16 -4.70 -7.66 4.93
C GLY E 16 -4.42 -9.04 5.48
N ASP E 17 -5.09 -10.06 4.95
CA ASP E 17 -4.90 -11.43 5.39
C ASP E 17 -3.46 -11.92 5.19
N LYS E 18 -3.00 -12.79 6.08
CA LYS E 18 -1.77 -13.53 5.89
C LYS E 18 -2.08 -14.80 5.07
N VAL E 19 -1.49 -14.94 3.88
CA VAL E 19 -1.67 -16.16 3.09
C VAL E 19 -0.43 -17.02 3.26
N THR E 20 -0.58 -18.34 3.14
CA THR E 20 0.56 -19.24 3.20
C THR E 20 0.48 -20.34 2.17
N ILE E 21 1.50 -20.43 1.31
CA ILE E 21 1.59 -21.48 0.30
C ILE E 21 2.62 -22.55 0.70
N THR E 22 2.33 -23.77 0.32
CA THR E 22 3.09 -24.93 0.77
C THR E 22 3.66 -25.75 -0.39
N CYS E 23 4.90 -26.19 -0.27
CA CYS E 23 5.48 -27.09 -1.26
C CYS E 23 6.13 -28.29 -0.60
N GLN E 24 5.74 -29.49 -1.02
CA GLN E 24 6.42 -30.71 -0.57
C GLN E 24 7.23 -31.36 -1.70
N ALA E 25 8.52 -31.57 -1.47
CA ALA E 25 9.37 -32.29 -2.43
C ALA E 25 9.36 -33.80 -2.12
N SER E 26 9.48 -34.61 -3.18
CA SER E 26 9.46 -36.06 -3.02
C SER E 26 10.72 -36.56 -2.35
N GLN E 27 11.79 -35.77 -2.42
CA GLN E 27 13.05 -36.05 -1.75
C GLN E 27 13.38 -34.85 -0.90
N ILE E 28 14.19 -35.06 0.13
CA ILE E 28 14.78 -33.96 0.86
C ILE E 28 15.71 -33.14 -0.03
N ILE E 29 15.43 -31.85 -0.19
CA ILE E 29 16.25 -30.96 -1.04
C ILE E 29 17.10 -29.93 -0.23
N TYR E 30 17.42 -30.25 1.02
CA TYR E 30 18.46 -29.54 1.77
C TYR E 30 18.37 -28.02 1.58
N ASN E 31 17.15 -27.52 1.76
CA ASN E 31 16.82 -26.08 1.77
C ASN E 31 16.99 -25.37 0.45
N TYR E 32 17.30 -26.10 -0.63
CA TYR E 32 17.42 -25.49 -1.93
C TYR E 32 16.05 -25.40 -2.60
N ILE E 33 15.26 -24.44 -2.12
CA ILE E 33 13.97 -24.15 -2.67
C ILE E 33 13.93 -22.63 -2.83
N ALA E 34 13.34 -22.19 -3.93
CA ALA E 34 13.25 -20.78 -4.26
C ALA E 34 11.79 -20.56 -4.62
N TRP E 35 11.31 -19.32 -4.50
CA TRP E 35 9.90 -19.03 -4.75
C TRP E 35 9.80 -17.89 -5.76
N TYR E 36 8.85 -18.00 -6.69
CA TYR E 36 8.71 -17.02 -7.76
C TYR E 36 7.31 -16.40 -7.82
N GLN E 37 7.25 -15.16 -8.29
CA GLN E 37 6.01 -14.43 -8.46
C GLN E 37 5.87 -14.25 -9.94
N GLN E 38 4.77 -14.71 -10.53
CA GLN E 38 4.53 -14.42 -11.95
C GLN E 38 3.27 -13.60 -12.18
N LYS E 39 3.46 -12.31 -12.46
CA LYS E 39 2.37 -11.45 -12.92
C LYS E 39 1.98 -11.79 -14.38
N PRO E 40 0.70 -11.60 -14.72
CA PRO E 40 0.15 -11.85 -16.07
C PRO E 40 1.01 -11.32 -17.21
N GLY E 41 1.26 -12.17 -18.20
CA GLY E 41 2.02 -11.78 -19.39
C GLY E 41 3.48 -11.41 -19.18
N LYS E 42 4.05 -11.85 -18.05
CA LYS E 42 5.44 -11.51 -17.71
C LYS E 42 6.23 -12.76 -17.31
N ALA E 43 7.52 -12.57 -17.09
CA ALA E 43 8.39 -13.65 -16.62
C ALA E 43 8.29 -13.73 -15.11
N PRO E 44 8.54 -14.92 -14.54
CA PRO E 44 8.59 -14.96 -13.09
C PRO E 44 9.76 -14.16 -12.54
N ARG E 45 9.53 -13.58 -11.37
CA ARG E 45 10.51 -12.79 -10.64
C ARG E 45 10.81 -13.56 -9.35
N LEU E 46 12.09 -13.87 -9.16
CA LEU E 46 12.58 -14.57 -7.97
C LEU E 46 12.38 -13.70 -6.75
N LEU E 47 11.67 -14.24 -5.77
CA LEU E 47 11.33 -13.52 -4.55
C LEU E 47 12.15 -13.98 -3.34
N ILE E 48 12.36 -15.29 -3.21
CA ILE E 48 13.14 -15.84 -2.12
C ILE E 48 14.00 -16.99 -2.63
N ARG E 49 15.22 -17.09 -2.12
CA ARG E 49 16.12 -18.18 -2.45
C ARG E 49 16.54 -18.91 -1.17
N TYR E 50 17.02 -20.15 -1.34
CA TYR E 50 17.50 -20.97 -0.24
C TYR E 50 16.55 -20.98 0.95
N THR E 51 15.27 -21.17 0.67
CA THR E 51 14.19 -21.32 1.67
C THR E 51 13.70 -20.00 2.24
N SER E 52 14.63 -19.18 2.73
CA SER E 52 14.29 -18.10 3.65
C SER E 52 14.87 -16.74 3.27
N THR E 53 15.87 -16.73 2.38
CA THR E 53 16.62 -15.50 2.08
C THR E 53 15.94 -14.65 1.02
N LEU E 54 15.51 -13.46 1.40
CA LEU E 54 14.88 -12.52 0.46
C LEU E 54 15.88 -11.96 -0.54
N GLU E 55 15.48 -11.90 -1.81
CA GLU E 55 16.28 -11.24 -2.84
C GLU E 55 16.17 -9.72 -2.65
N SER E 56 17.17 -8.98 -3.14
CA SER E 56 17.25 -7.52 -2.89
C SER E 56 15.90 -6.77 -2.99
N GLY E 57 15.21 -6.84 -4.13
CA GLY E 57 14.01 -6.03 -4.30
C GLY E 57 12.72 -6.49 -3.62
N THR E 58 12.82 -7.55 -2.82
CA THR E 58 11.64 -8.23 -2.31
C THR E 58 11.10 -7.53 -1.07
N PRO E 59 9.79 -7.19 -1.06
CA PRO E 59 9.08 -6.66 0.10
C PRO E 59 9.24 -7.50 1.34
N SER E 60 9.23 -6.84 2.50
CA SER E 60 9.46 -7.49 3.79
C SER E 60 8.27 -8.32 4.28
N ARG E 61 7.12 -8.16 3.66
CA ARG E 61 5.95 -9.00 3.95
C ARG E 61 6.06 -10.43 3.36
N PHE E 62 7.02 -10.66 2.47
CA PHE E 62 7.30 -12.00 1.98
C PHE E 62 8.28 -12.75 2.90
N SER E 63 8.07 -14.05 3.05
CA SER E 63 8.98 -14.87 3.84
C SER E 63 8.74 -16.34 3.54
N GLY E 64 9.76 -17.15 3.76
CA GLY E 64 9.68 -18.58 3.46
C GLY E 64 10.40 -19.38 4.52
N SER E 65 9.98 -20.62 4.71
CA SER E 65 10.64 -21.45 5.70
C SER E 65 10.45 -22.92 5.41
N GLY E 66 11.05 -23.75 6.26
CA GLY E 66 11.00 -25.20 6.09
C GLY E 66 12.38 -25.82 5.99
N SER E 67 12.37 -27.13 5.78
CA SER E 67 13.56 -27.97 5.72
C SER E 67 13.13 -29.40 5.36
N GLY E 68 14.10 -30.24 5.03
CA GLY E 68 13.81 -31.59 4.60
C GLY E 68 13.05 -31.57 3.30
N ARG E 69 11.89 -32.21 3.28
CA ARG E 69 10.99 -32.21 2.11
C ARG E 69 9.91 -31.12 2.14
N ASP E 70 9.69 -30.53 3.30
CA ASP E 70 8.52 -29.70 3.53
C ASP E 70 8.86 -28.22 3.63
N TYR E 71 8.33 -27.42 2.71
CA TYR E 71 8.62 -26.00 2.70
C TYR E 71 7.36 -25.17 2.58
N SER E 72 7.45 -23.90 2.97
CA SER E 72 6.34 -22.97 2.83
C SER E 72 6.79 -21.53 2.46
N PHE E 73 5.82 -20.73 1.99
CA PHE E 73 5.98 -19.34 1.56
C PHE E 73 4.77 -18.54 2.06
N SER E 74 4.99 -17.40 2.69
CA SER E 74 3.88 -16.64 3.31
C SER E 74 3.93 -15.17 3.03
N ILE E 75 2.78 -14.61 2.69
CA ILE E 75 2.63 -13.18 2.55
C ILE E 75 1.88 -12.70 3.78
N SER E 76 2.53 -11.85 4.59
CA SER E 76 2.00 -11.48 5.90
C SER E 76 0.77 -10.59 5.86
N ASN E 77 0.76 -9.60 4.96
CA ASN E 77 -0.38 -8.66 4.84
C ASN E 77 -0.74 -8.35 3.38
N VAL E 78 -1.51 -9.24 2.74
CA VAL E 78 -1.63 -9.19 1.27
C VAL E 78 -2.05 -7.81 0.76
N GLU E 79 -1.32 -7.31 -0.24
CA GLU E 79 -1.66 -6.09 -0.96
C GLU E 79 -2.16 -6.52 -2.32
N SER E 80 -2.68 -5.56 -3.09
CA SER E 80 -3.23 -5.84 -4.41
C SER E 80 -2.14 -6.03 -5.46
N GLU E 81 -1.00 -5.37 -5.27
CA GLU E 81 0.19 -5.61 -6.10
C GLU E 81 0.70 -7.06 -6.01
N ASP E 82 0.04 -7.89 -5.20
CA ASP E 82 0.41 -9.27 -5.01
C ASP E 82 -0.52 -10.25 -5.76
N ILE E 83 -1.57 -9.75 -6.43
CA ILE E 83 -2.34 -10.63 -7.31
C ILE E 83 -1.32 -11.14 -8.33
N ALA E 84 -1.13 -12.45 -8.36
CA ALA E 84 -0.18 -13.11 -9.26
C ALA E 84 -0.26 -14.61 -9.07
N SER E 85 0.51 -15.34 -9.87
CA SER E 85 0.72 -16.76 -9.62
C SER E 85 2.08 -16.94 -8.98
N TYR E 86 2.16 -17.79 -7.95
CA TYR E 86 3.40 -18.08 -7.26
C TYR E 86 3.90 -19.50 -7.57
N TYR E 87 5.23 -19.65 -7.70
CA TYR E 87 5.85 -20.95 -7.94
C TYR E 87 7.02 -21.26 -7.01
N CYS E 88 7.09 -22.51 -6.56
CA CYS E 88 8.30 -23.05 -5.96
C CYS E 88 9.22 -23.65 -7.04
N LEU E 89 10.51 -23.73 -6.71
CA LEU E 89 11.52 -24.37 -7.55
C LEU E 89 12.50 -25.08 -6.66
N GLN E 90 12.76 -26.36 -6.91
CA GLN E 90 13.91 -27.02 -6.30
C GLN E 90 15.08 -26.92 -7.27
N TYR E 91 16.24 -26.54 -6.74
CA TYR E 91 17.45 -26.42 -7.53
C TYR E 91 18.59 -27.16 -6.86
N ASP E 92 18.25 -28.25 -6.19
CA ASP E 92 19.24 -29.08 -5.54
C ASP E 92 19.94 -29.91 -6.59
N ASN E 93 19.18 -30.29 -7.62
CA ASN E 93 19.66 -31.24 -8.61
C ASN E 93 18.84 -31.11 -9.89
N LEU E 94 19.33 -31.70 -10.96
CA LEU E 94 18.61 -31.68 -12.23
C LEU E 94 17.67 -32.89 -12.35
N PRO E 95 16.58 -32.74 -13.14
CA PRO E 95 16.11 -31.51 -13.73
C PRO E 95 15.68 -30.48 -12.67
N TYR E 96 15.69 -29.19 -13.00
CA TYR E 96 15.01 -28.19 -12.17
C TYR E 96 13.55 -28.51 -12.26
N MET E 97 12.84 -28.41 -11.14
CA MET E 97 11.42 -28.74 -11.17
C MET E 97 10.63 -27.72 -10.37
N PHE E 98 9.59 -27.16 -10.97
CA PHE E 98 8.73 -26.20 -10.33
C PHE E 98 7.44 -26.85 -9.85
N GLY E 99 6.88 -26.34 -8.76
CA GLY E 99 5.52 -26.72 -8.39
C GLY E 99 4.52 -26.27 -9.45
N ALA E 100 3.35 -26.90 -9.46
CA ALA E 100 2.33 -26.59 -10.46
C ALA E 100 1.83 -25.15 -10.37
N GLY E 101 2.24 -24.44 -9.32
CA GLY E 101 1.85 -23.05 -9.16
C GLY E 101 0.67 -22.81 -8.26
N THR E 102 0.51 -21.55 -7.85
CA THR E 102 -0.65 -21.13 -7.05
C THR E 102 -1.15 -19.79 -7.54
N LYS E 103 -2.41 -19.73 -7.95
CA LYS E 103 -3.00 -18.47 -8.42
C LYS E 103 -3.60 -17.72 -7.22
N LEU E 104 -3.00 -16.58 -6.87
CA LEU E 104 -3.49 -15.77 -5.75
C LEU E 104 -4.51 -14.75 -6.23
N GLU E 105 -5.71 -14.78 -5.65
CA GLU E 105 -6.77 -13.83 -5.94
C GLU E 105 -7.24 -13.12 -4.66
N LEU E 106 -7.46 -11.81 -4.74
CA LEU E 106 -7.93 -11.04 -3.58
C LEU E 106 -9.44 -10.87 -3.58
N LYS E 107 -10.04 -10.98 -2.41
CA LYS E 107 -11.44 -10.73 -2.20
C LYS E 107 -11.54 -9.25 -1.84
N ARG E 108 -12.74 -8.70 -1.95
CA ARG E 108 -12.89 -7.25 -2.04
C ARG E 108 -14.37 -6.91 -1.89
N ALA E 109 -14.73 -5.67 -1.58
CA ALA E 109 -16.16 -5.27 -1.60
C ALA E 109 -16.77 -5.43 -2.99
N ASP E 110 -18.04 -5.78 -3.05
CA ASP E 110 -18.75 -5.91 -4.32
C ASP E 110 -18.64 -4.60 -5.12
N ALA E 111 -18.67 -4.69 -6.44
CA ALA E 111 -18.63 -3.52 -7.27
C ALA E 111 -19.46 -3.75 -8.53
N ALA E 112 -20.44 -2.88 -8.77
CA ALA E 112 -21.30 -2.99 -9.95
C ALA E 112 -20.51 -2.59 -11.18
N PRO E 113 -20.67 -3.34 -12.28
CA PRO E 113 -19.96 -3.03 -13.52
C PRO E 113 -20.49 -1.76 -14.15
N THR E 114 -19.63 -0.99 -14.80
CA THR E 114 -20.10 0.05 -15.70
C THR E 114 -20.20 -0.64 -17.03
N VAL E 115 -21.29 -0.41 -17.76
CA VAL E 115 -21.49 -1.04 -19.06
C VAL E 115 -21.54 -0.03 -20.21
N SER E 116 -20.83 -0.34 -21.29
CA SER E 116 -20.83 0.48 -22.50
C SER E 116 -21.01 -0.35 -23.77
N ILE E 117 -21.98 0.05 -24.60
CA ILE E 117 -22.28 -0.62 -25.87
C ILE E 117 -21.66 0.21 -26.99
N PHE E 118 -21.22 -0.46 -28.06
CA PHE E 118 -20.63 0.22 -29.20
C PHE E 118 -21.18 -0.33 -30.51
N PRO E 119 -21.73 0.56 -31.35
CA PRO E 119 -22.16 0.13 -32.66
C PRO E 119 -20.93 -0.15 -33.51
N PRO E 120 -21.07 -0.97 -34.56
CA PRO E 120 -19.91 -1.20 -35.42
C PRO E 120 -19.45 0.07 -36.15
N SER E 121 -18.14 0.17 -36.35
CA SER E 121 -17.53 1.37 -36.95
C SER E 121 -17.76 1.46 -38.46
N SER E 122 -17.93 2.69 -38.96
CA SER E 122 -18.09 2.91 -40.40
C SER E 122 -16.97 2.23 -41.20
N GLU E 123 -15.78 2.20 -40.61
CA GLU E 123 -14.63 1.52 -41.20
C GLU E 123 -14.88 0.03 -41.30
N GLN E 124 -15.54 -0.53 -40.30
CA GLN E 124 -15.86 -1.95 -40.27
C GLN E 124 -16.85 -2.29 -41.39
N LEU E 125 -17.92 -1.50 -41.46
CA LEU E 125 -19.03 -1.78 -42.40
C LEU E 125 -18.61 -1.52 -43.86
N ALA E 126 -17.59 -0.67 -44.04
CA ALA E 126 -16.97 -0.45 -45.34
C ALA E 126 -16.16 -1.68 -45.78
N THR E 127 -15.77 -2.51 -44.82
CA THR E 127 -15.14 -3.81 -45.09
C THR E 127 -16.17 -4.95 -45.12
N GLY E 128 -17.45 -4.62 -45.19
CA GLY E 128 -18.53 -5.61 -45.21
C GLY E 128 -18.67 -6.48 -43.95
N GLY E 129 -18.21 -5.96 -42.80
CA GLY E 129 -18.32 -6.69 -41.53
C GLY E 129 -19.09 -5.86 -40.51
N ALA E 130 -19.48 -6.48 -39.40
CA ALA E 130 -20.21 -5.75 -38.35
C ALA E 130 -20.11 -6.44 -36.99
N SER E 131 -19.23 -5.93 -36.13
CA SER E 131 -19.12 -6.48 -34.79
C SER E 131 -19.59 -5.44 -33.77
N VAL E 132 -20.49 -5.87 -32.89
CA VAL E 132 -21.00 -4.99 -31.86
C VAL E 132 -20.27 -5.32 -30.56
N VAL E 133 -19.86 -4.29 -29.84
CA VAL E 133 -18.98 -4.48 -28.71
C VAL E 133 -19.57 -3.87 -27.47
N CYS E 134 -19.40 -4.58 -26.37
CA CYS E 134 -19.98 -4.19 -25.10
C CYS E 134 -19.01 -4.49 -24.00
N PHE E 135 -18.52 -3.42 -23.36
CA PHE E 135 -17.60 -3.54 -22.24
C PHE E 135 -18.38 -3.52 -20.94
N VAL E 136 -18.07 -4.46 -20.05
CA VAL E 136 -18.64 -4.54 -18.71
C VAL E 136 -17.50 -4.46 -17.71
N ASN E 137 -17.17 -3.25 -17.27
CA ASN E 137 -15.85 -3.02 -16.64
C ASN E 137 -15.87 -2.73 -15.14
N ASN E 138 -14.78 -3.13 -14.50
CA ASN E 138 -14.52 -2.83 -13.09
C ASN E 138 -15.62 -3.32 -12.17
N PHE E 139 -15.82 -4.63 -12.18
CA PHE E 139 -16.85 -5.24 -11.35
C PHE E 139 -16.27 -6.30 -10.43
N TYR E 140 -17.05 -6.65 -9.42
CA TYR E 140 -16.66 -7.70 -8.51
C TYR E 140 -17.90 -8.08 -7.71
N PRO E 141 -18.13 -9.39 -7.50
CA PRO E 141 -17.27 -10.53 -7.78
C PRO E 141 -17.19 -10.90 -9.25
N ARG E 142 -16.26 -11.80 -9.54
CA ARG E 142 -16.01 -12.29 -10.89
C ARG E 142 -17.21 -12.87 -11.65
N ASP E 143 -18.14 -13.52 -10.94
CA ASP E 143 -19.28 -14.15 -11.61
C ASP E 143 -20.20 -13.12 -12.23
N ILE E 144 -20.42 -13.23 -13.53
CA ILE E 144 -21.22 -12.25 -14.26
C ILE E 144 -21.95 -12.92 -15.41
N SER E 145 -22.97 -12.25 -15.94
CA SER E 145 -23.68 -12.80 -17.10
C SER E 145 -24.10 -11.68 -18.06
N VAL E 146 -23.96 -11.95 -19.36
CA VAL E 146 -24.15 -10.92 -20.36
C VAL E 146 -24.90 -11.51 -21.53
N LYS E 147 -26.03 -10.89 -21.88
CA LYS E 147 -26.88 -11.34 -22.98
C LYS E 147 -27.01 -10.20 -23.99
N TRP E 148 -27.10 -10.59 -25.26
CA TRP E 148 -27.37 -9.68 -26.37
C TRP E 148 -28.78 -9.93 -26.87
N LYS E 149 -29.47 -8.84 -27.21
CA LYS E 149 -30.82 -8.93 -27.76
C LYS E 149 -30.91 -8.05 -29.01
N ILE E 150 -31.59 -8.55 -30.04
CA ILE E 150 -31.81 -7.80 -31.27
C ILE E 150 -33.31 -7.62 -31.44
N ASP E 151 -33.75 -6.36 -31.40
CA ASP E 151 -35.19 -6.04 -31.39
C ASP E 151 -35.93 -6.93 -30.41
N GLY E 152 -35.40 -7.03 -29.19
CA GLY E 152 -36.07 -7.73 -28.11
C GLY E 152 -35.96 -9.24 -28.16
N THR E 153 -35.08 -9.76 -29.01
CA THR E 153 -34.87 -11.21 -29.12
C THR E 153 -33.43 -11.58 -28.77
N GLU E 154 -33.27 -12.55 -27.86
CA GLU E 154 -31.95 -13.05 -27.48
C GLU E 154 -31.24 -13.66 -28.68
N ARG E 155 -29.97 -13.29 -28.87
CA ARG E 155 -29.13 -13.95 -29.85
C ARG E 155 -28.03 -14.63 -29.06
N ARG E 156 -27.94 -15.94 -29.18
CA ARG E 156 -26.94 -16.72 -28.45
C ARG E 156 -25.79 -17.15 -29.38
N ASP E 157 -26.06 -17.22 -30.69
CA ASP E 157 -25.02 -17.55 -31.67
C ASP E 157 -24.17 -16.31 -32.01
N GLY E 158 -22.85 -16.48 -32.08
CA GLY E 158 -21.95 -15.43 -32.51
C GLY E 158 -21.50 -14.52 -31.39
N VAL E 159 -21.81 -14.91 -30.16
CA VAL E 159 -21.34 -14.16 -28.99
C VAL E 159 -20.03 -14.77 -28.47
N LEU E 160 -19.08 -13.89 -28.16
CA LEU E 160 -17.82 -14.28 -27.54
C LEU E 160 -17.54 -13.32 -26.38
N ASP E 161 -17.15 -13.87 -25.23
CA ASP E 161 -16.83 -13.07 -24.05
C ASP E 161 -15.39 -13.30 -23.61
N SER E 162 -14.82 -12.30 -22.97
CA SER E 162 -13.47 -12.39 -22.44
C SER E 162 -13.33 -11.52 -21.20
N VAL E 163 -12.74 -12.10 -20.14
CA VAL E 163 -12.57 -11.43 -18.86
C VAL E 163 -11.08 -11.19 -18.58
N THR E 164 -10.75 -10.05 -18.00
CA THR E 164 -9.36 -9.74 -17.66
C THR E 164 -8.98 -10.42 -16.36
N ASP E 165 -7.68 -10.52 -16.11
CA ASP E 165 -7.18 -10.96 -14.80
C ASP E 165 -7.48 -9.87 -13.78
N GLN E 166 -7.49 -10.23 -12.51
CA GLN E 166 -7.84 -9.29 -11.45
C GLN E 166 -6.89 -8.11 -11.46
N ASP E 167 -7.44 -6.90 -11.50
CA ASP E 167 -6.65 -5.65 -11.54
C ASP E 167 -5.67 -5.49 -10.37
N SER E 168 -4.45 -5.06 -10.67
CA SER E 168 -3.41 -4.86 -9.64
C SER E 168 -3.70 -3.66 -8.74
N LYS E 169 -4.57 -2.74 -9.20
CA LYS E 169 -4.92 -1.56 -8.41
C LYS E 169 -6.17 -1.78 -7.55
N ASP E 170 -7.32 -1.99 -8.18
CA ASP E 170 -8.58 -2.04 -7.46
C ASP E 170 -9.21 -3.46 -7.33
N SER E 171 -8.53 -4.49 -7.82
CA SER E 171 -8.96 -5.89 -7.66
C SER E 171 -10.30 -6.27 -8.30
N THR E 172 -10.73 -5.50 -9.29
CA THR E 172 -11.97 -5.78 -10.03
C THR E 172 -11.66 -6.64 -11.27
N TYR E 173 -12.72 -7.02 -11.97
CA TYR E 173 -12.59 -7.73 -13.23
C TYR E 173 -13.32 -6.93 -14.29
N SER E 174 -12.90 -7.13 -15.52
CA SER E 174 -13.51 -6.44 -16.63
C SER E 174 -13.75 -7.38 -17.80
N MET E 175 -14.91 -7.21 -18.44
CA MET E 175 -15.29 -8.12 -19.50
C MET E 175 -15.54 -7.37 -20.79
N SER E 176 -15.01 -7.91 -21.88
CA SER E 176 -15.43 -7.49 -23.21
C SER E 176 -16.34 -8.59 -23.74
N SER E 177 -17.43 -8.17 -24.38
CA SER E 177 -18.33 -9.08 -25.08
C SER E 177 -18.48 -8.63 -26.53
N THR E 178 -18.48 -9.59 -27.44
CA THR E 178 -18.51 -9.31 -28.87
C THR E 178 -19.65 -10.10 -29.49
N LEU E 179 -20.47 -9.41 -30.28
CA LEU E 179 -21.51 -10.06 -31.09
C LEU E 179 -21.23 -9.79 -32.57
N SER E 180 -20.84 -10.83 -33.29
CA SER E 180 -20.44 -10.70 -34.69
C SER E 180 -21.56 -11.08 -35.65
N LEU E 181 -21.79 -10.22 -36.63
CA LEU E 181 -22.82 -10.41 -37.65
C LEU E 181 -22.30 -10.04 -39.02
N THR E 182 -23.02 -10.43 -40.06
CA THR E 182 -22.75 -9.96 -41.41
C THR E 182 -23.28 -8.53 -41.53
N LYS E 183 -22.70 -7.74 -42.44
CA LYS E 183 -23.11 -6.36 -42.63
C LYS E 183 -24.60 -6.27 -43.02
N VAL E 184 -25.07 -7.24 -43.80
CA VAL E 184 -26.47 -7.28 -44.22
C VAL E 184 -27.40 -7.60 -43.06
N ASP E 185 -27.13 -8.68 -42.33
CA ASP E 185 -27.95 -9.06 -41.17
C ASP E 185 -28.04 -7.90 -40.18
N TYR E 186 -26.90 -7.27 -39.90
CA TYR E 186 -26.85 -6.10 -39.02
C TYR E 186 -27.81 -5.03 -39.46
N GLU E 187 -27.92 -4.81 -40.77
CA GLU E 187 -28.76 -3.74 -41.30
C GLU E 187 -30.23 -4.07 -41.20
N ARG E 188 -30.56 -5.35 -41.04
CA ARG E 188 -31.96 -5.77 -40.97
C ARG E 188 -32.63 -5.45 -39.62
N HIS E 189 -31.85 -4.97 -38.64
CA HIS E 189 -32.40 -4.68 -37.31
C HIS E 189 -31.94 -3.35 -36.75
N ASN E 190 -32.73 -2.80 -35.83
CA ASN E 190 -32.49 -1.45 -35.30
C ASN E 190 -31.96 -1.46 -33.88
N LEU E 191 -32.64 -2.19 -33.00
CA LEU E 191 -32.36 -2.12 -31.57
C LEU E 191 -31.42 -3.24 -31.14
N TYR E 192 -30.17 -2.87 -30.86
CA TYR E 192 -29.19 -3.78 -30.26
C TYR E 192 -29.05 -3.47 -28.78
N THR E 193 -29.13 -4.51 -27.95
CA THR E 193 -29.11 -4.31 -26.50
C THR E 193 -28.04 -5.21 -25.89
N CYS E 194 -27.32 -4.67 -24.91
CA CYS E 194 -26.37 -5.42 -24.10
C CYS E 194 -26.95 -5.56 -22.68
N GLU E 195 -27.20 -6.78 -22.22
CA GLU E 195 -27.93 -6.95 -20.96
C GLU E 195 -27.11 -7.70 -19.92
N VAL E 196 -26.76 -7.02 -18.85
CA VAL E 196 -25.86 -7.59 -17.85
C VAL E 196 -26.59 -7.85 -16.53
N VAL E 197 -26.22 -8.96 -15.88
CA VAL E 197 -26.71 -9.29 -14.54
C VAL E 197 -25.54 -9.77 -13.70
N HIS E 198 -25.59 -9.42 -12.42
CA HIS E 198 -24.47 -9.51 -11.50
C HIS E 198 -25.06 -9.39 -10.10
N LYS E 199 -24.37 -9.90 -9.08
CA LYS E 199 -25.00 -9.90 -7.77
C LYS E 199 -25.30 -8.48 -7.28
N THR E 200 -24.51 -7.51 -7.73
CA THR E 200 -24.79 -6.09 -7.43
C THR E 200 -26.09 -5.61 -8.09
N SER E 201 -26.47 -6.26 -9.18
CA SER E 201 -27.69 -5.93 -9.90
C SER E 201 -28.91 -6.36 -9.09
N SER E 202 -29.85 -5.43 -8.93
CA SER E 202 -31.14 -5.74 -8.36
C SER E 202 -32.16 -5.84 -9.50
N SER E 203 -31.69 -5.62 -10.73
CA SER E 203 -32.49 -5.75 -11.96
C SER E 203 -31.53 -5.71 -13.16
N PRO E 204 -31.92 -6.29 -14.32
CA PRO E 204 -30.93 -6.37 -15.39
C PRO E 204 -30.46 -5.01 -15.85
N VAL E 205 -29.14 -4.82 -15.87
CA VAL E 205 -28.54 -3.58 -16.34
C VAL E 205 -28.47 -3.66 -17.83
N VAL E 206 -29.14 -2.73 -18.52
CA VAL E 206 -29.17 -2.71 -19.98
C VAL E 206 -28.75 -1.36 -20.49
N LYS E 207 -27.60 -1.31 -21.16
CA LYS E 207 -27.30 -0.24 -22.09
C LYS E 207 -27.85 -0.73 -23.43
N SER E 208 -28.09 0.20 -24.37
CA SER E 208 -28.74 -0.11 -25.65
C SER E 208 -28.47 0.95 -26.70
N PHE E 209 -28.67 0.61 -27.96
CA PHE E 209 -28.71 1.62 -29.03
C PHE E 209 -29.64 1.23 -30.18
N ASN E 210 -30.20 2.25 -30.81
CA ASN E 210 -31.04 2.08 -31.98
C ASN E 210 -30.22 2.52 -33.19
N ARG E 211 -29.85 1.54 -34.03
CA ARG E 211 -29.01 1.76 -35.20
C ARG E 211 -29.34 3.05 -35.94
N ASN E 212 -30.64 3.35 -36.02
CA ASN E 212 -31.15 4.50 -36.79
C ASN E 212 -30.51 5.84 -36.40
N ASP F 1 -17.44 36.10 10.40
CA ASP F 1 -16.68 34.87 10.11
C ASP F 1 -16.81 34.41 8.67
N ILE F 2 -15.91 33.56 8.20
CA ILE F 2 -16.08 32.85 6.95
C ILE F 2 -16.53 31.42 7.26
N LEU F 3 -17.66 31.00 6.69
CA LEU F 3 -18.17 29.67 7.02
C LEU F 3 -17.69 28.70 5.97
N MET F 4 -17.38 27.49 6.38
CA MET F 4 -16.83 26.50 5.48
C MET F 4 -17.74 25.30 5.49
N THR F 5 -18.34 25.02 4.35
CA THR F 5 -19.26 23.92 4.25
C THR F 5 -18.54 22.79 3.61
N GLN F 6 -18.25 21.76 4.38
CA GLN F 6 -17.52 20.62 3.85
C GLN F 6 -18.47 19.47 3.63
N SER F 7 -18.27 18.77 2.53
CA SER F 7 -19.10 17.61 2.25
C SER F 7 -18.36 16.65 1.35
N PRO F 8 -18.73 15.36 1.40
CA PRO F 8 -19.80 14.85 2.25
C PRO F 8 -19.35 14.71 3.69
N LEU F 9 -20.31 14.57 4.58
CA LEU F 9 -20.04 14.40 5.99
C LEU F 9 -19.32 13.07 6.30
N SER F 10 -19.59 12.07 5.46
CA SER F 10 -19.03 10.72 5.63
C SER F 10 -18.89 10.13 4.25
N LEU F 11 -17.90 9.26 4.08
CA LEU F 11 -17.66 8.65 2.80
C LEU F 11 -17.27 7.20 3.00
N SER F 12 -17.82 6.33 2.16
CA SER F 12 -17.49 4.91 2.17
C SER F 12 -16.71 4.63 0.90
N ALA F 13 -15.52 4.02 1.01
CA ALA F 13 -14.66 3.85 -0.16
C ALA F 13 -14.04 2.47 -0.27
N SER F 14 -14.03 1.93 -1.48
CA SER F 14 -13.33 0.69 -1.75
C SER F 14 -11.90 1.02 -2.13
N LEU F 15 -10.99 0.09 -1.90
CA LEU F 15 -9.58 0.33 -2.16
C LEU F 15 -9.40 0.63 -3.65
N GLY F 16 -8.64 1.67 -3.95
CA GLY F 16 -8.43 2.08 -5.32
C GLY F 16 -9.53 2.93 -5.94
N ASP F 17 -10.56 3.27 -5.17
CA ASP F 17 -11.55 4.25 -5.64
C ASP F 17 -10.94 5.64 -5.65
N LYS F 18 -11.29 6.44 -6.65
CA LYS F 18 -11.06 7.87 -6.59
C LYS F 18 -12.13 8.45 -5.65
N VAL F 19 -11.71 9.32 -4.74
CA VAL F 19 -12.67 9.97 -3.84
C VAL F 19 -12.38 11.47 -3.78
N THR F 20 -13.45 12.26 -3.74
CA THR F 20 -13.33 13.70 -3.78
C THR F 20 -14.17 14.32 -2.68
N ILE F 21 -13.52 14.99 -1.76
CA ILE F 21 -14.19 15.86 -0.80
C ILE F 21 -14.29 17.22 -1.47
N THR F 22 -15.23 18.02 -0.98
CA THR F 22 -15.57 19.28 -1.55
C THR F 22 -15.76 20.27 -0.39
N CYS F 23 -15.31 21.50 -0.59
CA CYS F 23 -15.57 22.55 0.39
C CYS F 23 -15.98 23.85 -0.25
N GLN F 24 -17.07 24.45 0.21
CA GLN F 24 -17.44 25.76 -0.25
C GLN F 24 -17.32 26.79 0.86
N ALA F 25 -16.60 27.88 0.57
CA ALA F 25 -16.40 28.97 1.54
C ALA F 25 -17.54 30.02 1.42
N SER F 26 -17.95 30.63 2.52
CA SER F 26 -19.01 31.63 2.45
C SER F 26 -18.56 32.85 1.65
N GLN F 27 -17.27 33.15 1.75
CA GLN F 27 -16.64 34.23 0.98
C GLN F 27 -15.51 33.66 0.14
N ILE F 28 -15.10 34.44 -0.84
CA ILE F 28 -13.94 34.08 -1.63
C ILE F 28 -12.75 34.21 -0.72
N ILE F 29 -11.83 33.24 -0.78
CA ILE F 29 -10.65 33.18 0.12
C ILE F 29 -9.35 33.11 -0.65
N TYR F 30 -9.39 33.48 -1.93
CA TYR F 30 -8.20 33.64 -2.75
C TYR F 30 -7.20 32.50 -2.55
N ASN F 31 -7.70 31.26 -2.68
CA ASN F 31 -6.90 30.04 -2.63
C ASN F 31 -6.23 29.70 -1.28
N TYR F 32 -6.52 30.49 -0.24
CA TYR F 32 -5.95 30.25 1.09
C TYR F 32 -6.75 29.21 1.88
N ILE F 33 -6.66 27.97 1.41
CA ILE F 33 -7.33 26.80 1.96
C ILE F 33 -6.27 25.71 2.21
N ALA F 34 -6.46 24.89 3.21
CA ALA F 34 -5.52 23.82 3.48
C ALA F 34 -6.32 22.58 3.80
N TRP F 35 -5.71 21.41 3.60
CA TRP F 35 -6.40 20.17 3.89
C TRP F 35 -5.59 19.37 4.89
N TYR F 36 -6.28 18.86 5.90
CA TYR F 36 -5.66 18.05 6.94
C TYR F 36 -6.21 16.63 6.99
N GLN F 37 -5.35 15.71 7.38
CA GLN F 37 -5.71 14.34 7.66
C GLN F 37 -5.56 14.11 9.15
N GLN F 38 -6.52 13.40 9.75
CA GLN F 38 -6.49 13.10 11.19
C GLN F 38 -6.91 11.65 11.48
N LYS F 39 -5.94 10.81 11.81
CA LYS F 39 -6.24 9.43 12.23
C LYS F 39 -6.69 9.43 13.73
N PRO F 40 -7.60 8.52 14.10
CA PRO F 40 -8.13 8.65 15.46
C PRO F 40 -7.01 8.47 16.49
N GLY F 41 -7.01 9.35 17.50
CA GLY F 41 -5.97 9.39 18.52
C GLY F 41 -4.85 10.40 18.27
N LYS F 42 -4.53 10.63 16.99
CA LYS F 42 -3.46 11.56 16.63
C LYS F 42 -4.02 12.95 16.29
N ALA F 43 -3.10 13.90 16.09
CA ALA F 43 -3.46 15.24 15.66
C ALA F 43 -3.74 15.26 14.16
N PRO F 44 -4.30 16.36 13.66
CA PRO F 44 -4.38 16.50 12.22
C PRO F 44 -3.00 16.83 11.64
N ARG F 45 -2.61 16.19 10.54
CA ARG F 45 -1.41 16.61 9.85
C ARG F 45 -1.83 17.23 8.53
N LEU F 46 -1.18 18.34 8.19
CA LEU F 46 -1.37 19.03 6.93
C LEU F 46 -0.96 18.16 5.75
N LEU F 47 -1.81 18.10 4.72
CA LEU F 47 -1.46 17.40 3.48
C LEU F 47 -1.19 18.40 2.35
N ILE F 48 -2.10 19.34 2.15
CA ILE F 48 -2.00 20.32 1.07
C ILE F 48 -2.19 21.73 1.62
N ARG F 49 -1.36 22.67 1.17
CA ARG F 49 -1.55 24.07 1.51
C ARG F 49 -1.82 24.89 0.26
N TYR F 50 -2.40 26.07 0.44
CA TYR F 50 -2.61 26.98 -0.67
C TYR F 50 -3.27 26.27 -1.85
N THR F 51 -4.39 25.62 -1.54
CA THR F 51 -5.24 24.94 -2.52
C THR F 51 -4.70 23.66 -3.10
N SER F 52 -3.48 23.69 -3.61
CA SER F 52 -2.97 22.57 -4.42
C SER F 52 -1.54 22.12 -4.11
N THR F 53 -0.83 22.88 -3.30
CA THR F 53 0.56 22.56 -2.95
C THR F 53 0.69 21.42 -1.91
N LEU F 54 1.37 20.34 -2.32
CA LEU F 54 1.61 19.22 -1.43
C LEU F 54 2.72 19.54 -0.44
N GLU F 55 2.58 19.02 0.76
CA GLU F 55 3.65 19.05 1.75
C GLU F 55 4.66 17.97 1.40
N SER F 56 5.94 18.21 1.69
CA SER F 56 6.89 17.13 1.85
C SER F 56 6.21 16.07 2.70
N GLY F 57 6.18 14.84 2.19
CA GLY F 57 5.55 13.76 2.95
C GLY F 57 4.23 13.31 2.37
N THR F 58 3.45 14.25 1.85
CA THR F 58 2.19 13.88 1.21
C THR F 58 2.47 13.03 -0.03
N PRO F 59 1.84 11.85 -0.11
CA PRO F 59 1.92 11.08 -1.35
C PRO F 59 1.18 11.73 -2.51
N SER F 60 1.57 11.39 -3.73
CA SER F 60 1.09 12.08 -4.92
C SER F 60 -0.37 11.81 -5.19
N ARG F 61 -0.90 10.72 -4.64
CA ARG F 61 -2.30 10.36 -4.83
C ARG F 61 -3.25 11.36 -4.18
N PHE F 62 -2.70 12.26 -3.35
CA PHE F 62 -3.44 13.38 -2.80
C PHE F 62 -3.25 14.63 -3.64
N SER F 63 -4.31 15.41 -3.78
CA SER F 63 -4.28 16.63 -4.57
C SER F 63 -5.46 17.50 -4.23
N GLY F 64 -5.38 18.78 -4.56
CA GLY F 64 -6.49 19.70 -4.34
C GLY F 64 -6.61 20.73 -5.44
N SER F 65 -7.83 21.18 -5.71
CA SER F 65 -8.06 22.21 -6.70
C SER F 65 -9.15 23.17 -6.29
N GLY F 66 -9.31 24.22 -7.07
CA GLY F 66 -10.37 25.18 -6.85
C GLY F 66 -9.91 26.63 -6.89
N SER F 67 -10.88 27.51 -6.87
CA SER F 67 -10.62 28.93 -6.70
C SER F 67 -11.91 29.54 -6.24
N GLY F 68 -11.83 30.80 -5.81
CA GLY F 68 -12.97 31.55 -5.37
C GLY F 68 -13.52 31.07 -4.04
N ARG F 69 -14.78 30.66 -4.04
CA ARG F 69 -15.44 30.12 -2.87
C ARG F 69 -15.40 28.59 -2.84
N ASP F 70 -14.99 27.96 -3.95
CA ASP F 70 -15.22 26.51 -4.18
C ASP F 70 -13.93 25.72 -4.42
N TYR F 71 -13.74 24.69 -3.62
CA TYR F 71 -12.48 23.96 -3.56
C TYR F 71 -12.71 22.49 -3.38
N SER F 72 -11.71 21.68 -3.70
CA SER F 72 -11.85 20.25 -3.58
C SER F 72 -10.53 19.52 -3.32
N PHE F 73 -10.65 18.31 -2.78
CA PHE F 73 -9.53 17.48 -2.36
C PHE F 73 -9.86 16.12 -2.86
N SER F 74 -8.92 15.48 -3.51
CA SER F 74 -9.21 14.20 -4.11
C SER F 74 -8.11 13.24 -3.78
N ILE F 75 -8.47 12.03 -3.36
CA ILE F 75 -7.52 10.93 -3.33
C ILE F 75 -7.73 10.16 -4.64
N SER F 76 -6.67 9.98 -5.42
CA SER F 76 -6.79 9.38 -6.75
C SER F 76 -6.96 7.88 -6.67
N ASN F 77 -6.38 7.29 -5.63
CA ASN F 77 -6.34 5.84 -5.42
C ASN F 77 -6.32 5.56 -3.91
N VAL F 78 -7.47 5.29 -3.32
CA VAL F 78 -7.55 5.12 -1.87
C VAL F 78 -6.82 3.88 -1.40
N GLU F 79 -5.93 4.06 -0.42
CA GLU F 79 -5.23 2.94 0.21
C GLU F 79 -5.79 2.74 1.62
N SER F 80 -5.31 1.70 2.28
CA SER F 80 -5.77 1.37 3.63
C SER F 80 -5.46 2.48 4.63
N GLU F 81 -4.28 3.09 4.50
CA GLU F 81 -3.83 4.10 5.49
C GLU F 81 -4.44 5.48 5.28
N ASP F 82 -5.29 5.62 4.28
CA ASP F 82 -5.97 6.86 3.98
C ASP F 82 -7.21 6.99 4.87
N ILE F 83 -7.60 5.88 5.47
CA ILE F 83 -8.63 5.85 6.51
C ILE F 83 -8.41 6.92 7.58
N ALA F 84 -9.31 7.90 7.64
CA ALA F 84 -9.20 8.97 8.64
C ALA F 84 -10.31 9.97 8.49
N SER F 85 -10.23 11.04 9.28
CA SER F 85 -11.06 12.20 9.02
C SER F 85 -10.23 13.24 8.29
N TYR F 86 -10.83 13.84 7.27
CA TYR F 86 -10.20 14.92 6.55
C TYR F 86 -10.94 16.23 6.84
N TYR F 87 -10.17 17.30 6.99
CA TYR F 87 -10.71 18.64 7.26
C TYR F 87 -10.11 19.68 6.32
N CYS F 88 -10.93 20.63 5.89
CA CYS F 88 -10.43 21.76 5.13
C CYS F 88 -10.30 22.90 6.10
N LEU F 89 -9.40 23.83 5.79
CA LEU F 89 -9.19 24.99 6.65
C LEU F 89 -9.10 26.25 5.79
N GLN F 90 -9.85 27.27 6.17
CA GLN F 90 -9.67 28.62 5.65
C GLN F 90 -8.66 29.35 6.51
N TYR F 91 -7.65 29.97 5.92
CA TYR F 91 -6.68 30.78 6.68
C TYR F 91 -6.40 32.12 6.01
N ASP F 92 -7.40 32.63 5.33
CA ASP F 92 -7.31 33.93 4.70
C ASP F 92 -7.46 35.04 5.77
N ASN F 93 -8.33 34.80 6.76
CA ASN F 93 -8.59 35.78 7.80
C ASN F 93 -9.04 35.07 9.07
N LEU F 94 -8.94 35.77 10.20
CA LEU F 94 -9.46 35.32 11.48
C LEU F 94 -10.99 35.43 11.50
N PRO F 95 -11.68 34.52 12.18
CA PRO F 95 -11.16 33.38 12.89
C PRO F 95 -10.80 32.30 11.90
N TYR F 96 -9.78 31.49 12.23
CA TYR F 96 -9.48 30.32 11.42
C TYR F 96 -10.72 29.47 11.50
N MET F 97 -11.11 28.88 10.37
CA MET F 97 -12.35 28.15 10.32
C MET F 97 -12.16 26.88 9.54
N PHE F 98 -12.46 25.76 10.19
CA PHE F 98 -12.33 24.43 9.61
C PHE F 98 -13.65 23.94 9.11
N GLY F 99 -13.66 23.15 8.06
CA GLY F 99 -14.86 22.41 7.71
C GLY F 99 -15.24 21.39 8.79
N ALA F 100 -16.51 21.01 8.80
CA ALA F 100 -17.04 20.02 9.74
C ALA F 100 -16.31 18.69 9.63
N GLY F 101 -15.74 18.42 8.46
CA GLY F 101 -14.89 17.24 8.27
C GLY F 101 -15.53 16.11 7.45
N THR F 102 -14.67 15.23 6.96
CA THR F 102 -15.12 14.04 6.25
C THR F 102 -14.52 12.83 6.89
N LYS F 103 -15.35 11.98 7.50
CA LYS F 103 -14.87 10.69 7.98
C LYS F 103 -14.89 9.68 6.84
N LEU F 104 -13.70 9.26 6.42
CA LEU F 104 -13.57 8.29 5.34
C LEU F 104 -13.45 6.88 5.88
N GLU F 105 -14.44 6.03 5.57
CA GLU F 105 -14.44 4.62 5.96
C GLU F 105 -14.17 3.75 4.74
N LEU F 106 -13.45 2.65 4.96
CA LEU F 106 -13.06 1.73 3.88
C LEU F 106 -14.03 0.56 3.79
N LYS F 107 -14.48 0.23 2.59
CA LYS F 107 -15.33 -0.93 2.35
C LYS F 107 -14.45 -2.13 2.05
N ARG F 108 -14.92 -3.32 2.39
CA ARG F 108 -14.19 -4.57 2.11
C ARG F 108 -15.11 -5.78 2.02
N ALA F 109 -14.52 -6.94 1.80
CA ALA F 109 -15.26 -8.20 1.71
C ALA F 109 -15.86 -8.56 3.06
N ASP F 110 -16.98 -9.27 3.03
CA ASP F 110 -17.61 -9.71 4.26
C ASP F 110 -16.61 -10.51 5.10
N ALA F 111 -16.75 -10.39 6.42
CA ALA F 111 -15.91 -11.06 7.38
C ALA F 111 -16.80 -11.42 8.54
N ALA F 112 -16.87 -12.72 8.86
CA ALA F 112 -17.69 -13.22 9.96
C ALA F 112 -16.93 -13.12 11.28
N PRO F 113 -17.62 -12.73 12.35
CA PRO F 113 -16.91 -12.51 13.61
C PRO F 113 -16.48 -13.79 14.32
N THR F 114 -15.35 -13.69 15.04
CA THR F 114 -14.89 -14.70 16.00
C THR F 114 -15.39 -14.30 17.38
N VAL F 115 -16.27 -15.13 17.96
CA VAL F 115 -16.92 -14.82 19.23
C VAL F 115 -16.28 -15.61 20.38
N SER F 116 -15.80 -14.89 21.38
CA SER F 116 -15.26 -15.53 22.58
C SER F 116 -15.99 -15.03 23.80
N ILE F 117 -16.34 -15.94 24.71
CA ILE F 117 -16.94 -15.57 25.99
C ILE F 117 -15.93 -15.83 27.10
N PHE F 118 -16.05 -15.09 28.20
CA PHE F 118 -15.21 -15.27 29.36
C PHE F 118 -16.02 -15.15 30.64
N PRO F 119 -15.89 -16.13 31.55
CA PRO F 119 -16.44 -15.86 32.85
C PRO F 119 -15.58 -14.83 33.63
N PRO F 120 -16.15 -14.26 34.69
CA PRO F 120 -15.44 -13.39 35.62
C PRO F 120 -14.17 -14.04 36.18
N SER F 121 -13.19 -13.22 36.45
CA SER F 121 -11.97 -13.65 37.11
C SER F 121 -12.20 -14.08 38.58
N SER F 122 -11.39 -15.00 39.07
CA SER F 122 -11.42 -15.31 40.50
C SER F 122 -11.02 -14.07 41.28
N GLU F 123 -10.09 -13.29 40.76
CA GLU F 123 -9.72 -12.02 41.38
C GLU F 123 -10.94 -11.11 41.55
N GLN F 124 -11.66 -10.83 40.46
CA GLN F 124 -12.80 -9.91 40.51
C GLN F 124 -13.83 -10.41 41.51
N LEU F 125 -14.07 -11.71 41.47
CA LEU F 125 -15.06 -12.34 42.35
C LEU F 125 -14.67 -12.14 43.81
N ALA F 126 -13.37 -12.14 44.11
CA ALA F 126 -12.87 -11.83 45.44
C ALA F 126 -13.35 -10.43 45.88
N THR F 127 -13.21 -9.45 45.02
CA THR F 127 -13.68 -8.09 45.31
C THR F 127 -15.19 -7.90 45.07
N GLY F 128 -15.96 -8.98 45.12
CA GLY F 128 -17.41 -8.91 45.05
C GLY F 128 -17.99 -8.32 43.79
N GLY F 129 -17.25 -8.45 42.68
CA GLY F 129 -17.69 -7.97 41.37
C GLY F 129 -17.71 -9.14 40.40
N ALA F 130 -18.50 -9.03 39.35
CA ALA F 130 -18.59 -10.11 38.37
C ALA F 130 -18.96 -9.57 37.02
N SER F 131 -17.98 -9.40 36.13
CA SER F 131 -18.25 -8.97 34.77
C SER F 131 -18.04 -10.14 33.83
N VAL F 132 -18.97 -10.34 32.91
CA VAL F 132 -18.86 -11.40 31.93
C VAL F 132 -18.53 -10.73 30.61
N VAL F 133 -17.52 -11.23 29.92
CA VAL F 133 -17.03 -10.51 28.75
C VAL F 133 -17.14 -11.35 27.50
N CYS F 134 -17.61 -10.72 26.44
CA CYS F 134 -17.81 -11.39 25.19
C CYS F 134 -17.19 -10.57 24.07
N PHE F 135 -16.04 -11.00 23.56
CA PHE F 135 -15.41 -10.37 22.41
C PHE F 135 -15.98 -10.88 21.09
N VAL F 136 -16.38 -9.95 20.23
CA VAL F 136 -16.87 -10.27 18.88
C VAL F 136 -15.97 -9.63 17.85
N ASN F 137 -14.95 -10.36 17.39
CA ASN F 137 -13.83 -9.71 16.70
C ASN F 137 -13.75 -9.91 15.19
N ASN F 138 -13.18 -8.90 14.53
CA ASN F 138 -12.90 -8.91 13.09
C ASN F 138 -14.10 -9.21 12.19
N PHE F 139 -15.18 -8.45 12.36
CA PHE F 139 -16.32 -8.54 11.44
C PHE F 139 -16.37 -7.41 10.45
N TYR F 140 -17.04 -7.68 9.33
CA TYR F 140 -17.41 -6.64 8.36
C TYR F 140 -18.60 -7.16 7.55
N PRO F 141 -19.65 -6.34 7.35
CA PRO F 141 -19.83 -4.96 7.73
C PRO F 141 -20.12 -4.72 9.22
N ARG F 142 -20.25 -3.43 9.55
CA ARG F 142 -20.26 -2.90 10.91
C ARG F 142 -21.52 -3.22 11.70
N ASP F 143 -22.62 -3.51 11.00
CA ASP F 143 -23.89 -3.81 11.66
C ASP F 143 -23.85 -5.17 12.27
N ILE F 144 -24.22 -5.27 13.54
CA ILE F 144 -24.17 -6.53 14.26
C ILE F 144 -25.11 -6.48 15.47
N SER F 145 -25.57 -7.63 15.90
CA SER F 145 -26.34 -7.71 17.14
C SER F 145 -25.66 -8.68 18.07
N VAL F 146 -25.44 -8.27 19.31
CA VAL F 146 -25.02 -9.19 20.35
C VAL F 146 -26.14 -9.31 21.37
N LYS F 147 -26.34 -10.52 21.88
CA LYS F 147 -27.35 -10.78 22.90
C LYS F 147 -26.72 -11.50 24.07
N TRP F 148 -27.30 -11.31 25.24
CA TRP F 148 -26.90 -12.01 26.43
C TRP F 148 -28.13 -12.73 26.95
N LYS F 149 -27.97 -13.94 27.45
CA LYS F 149 -29.04 -14.59 28.22
C LYS F 149 -28.44 -15.31 29.40
N ILE F 150 -29.17 -15.26 30.51
CA ILE F 150 -28.79 -15.90 31.78
C ILE F 150 -29.88 -16.90 32.09
N ASP F 151 -29.54 -18.19 32.09
CA ASP F 151 -30.53 -19.26 32.34
C ASP F 151 -31.77 -19.13 31.41
N GLY F 152 -31.55 -18.61 30.20
CA GLY F 152 -32.62 -18.38 29.24
C GLY F 152 -33.51 -17.17 29.49
N THR F 153 -33.05 -16.21 30.28
CA THR F 153 -33.78 -14.95 30.44
C THR F 153 -32.97 -13.81 29.80
N GLU F 154 -33.34 -13.41 28.57
CA GLU F 154 -32.59 -12.39 27.83
C GLU F 154 -32.20 -11.27 28.77
N ARG F 155 -30.90 -11.04 28.88
CA ARG F 155 -30.37 -10.04 29.79
C ARG F 155 -30.07 -8.76 29.00
N ARG F 156 -30.85 -7.71 29.28
CA ARG F 156 -30.64 -6.39 28.70
C ARG F 156 -29.94 -5.48 29.70
N ASP F 157 -30.51 -5.36 30.89
CA ASP F 157 -29.98 -4.46 31.92
C ASP F 157 -28.58 -4.89 32.36
N GLY F 158 -27.70 -3.90 32.53
CA GLY F 158 -26.31 -4.14 32.89
C GLY F 158 -25.42 -4.64 31.76
N VAL F 159 -25.72 -4.26 30.52
CA VAL F 159 -24.92 -4.66 29.37
C VAL F 159 -24.47 -3.44 28.57
N LEU F 160 -23.19 -3.43 28.20
CA LEU F 160 -22.58 -2.31 27.50
C LEU F 160 -21.67 -2.83 26.38
N ASP F 161 -21.91 -2.33 25.17
CA ASP F 161 -21.13 -2.63 23.96
C ASP F 161 -20.28 -1.41 23.53
N SER F 162 -19.03 -1.63 23.17
CA SER F 162 -18.25 -0.60 22.48
C SER F 162 -17.56 -1.26 21.31
N VAL F 163 -17.38 -0.51 20.23
CA VAL F 163 -16.82 -1.04 19.00
C VAL F 163 -15.56 -0.30 18.59
N THR F 164 -14.67 -1.05 17.96
CA THR F 164 -13.35 -0.60 17.57
C THR F 164 -13.46 0.32 16.34
N ASP F 165 -12.48 1.20 16.13
CA ASP F 165 -12.41 1.99 14.87
C ASP F 165 -11.90 1.04 13.80
N GLN F 166 -12.10 1.39 12.54
CA GLN F 166 -11.72 0.47 11.46
C GLN F 166 -10.22 0.14 11.44
N ASP F 167 -9.90 -1.14 11.27
CA ASP F 167 -8.52 -1.61 11.35
C ASP F 167 -7.72 -1.19 10.09
N SER F 168 -6.76 -0.25 10.26
CA SER F 168 -5.83 0.13 9.16
C SER F 168 -5.09 -1.07 8.55
N LYS F 169 -5.02 -2.18 9.28
CA LYS F 169 -4.53 -3.44 8.74
C LYS F 169 -5.53 -4.12 7.78
N ASP F 170 -6.63 -4.68 8.31
CA ASP F 170 -7.56 -5.49 7.51
C ASP F 170 -8.96 -4.88 7.37
N SER F 171 -9.15 -3.69 7.89
CA SER F 171 -10.39 -2.93 7.74
C SER F 171 -11.62 -3.57 8.39
N THR F 172 -11.42 -4.39 9.43
CA THR F 172 -12.55 -4.99 10.15
C THR F 172 -12.89 -4.15 11.37
N TYR F 173 -14.04 -4.47 11.98
CA TYR F 173 -14.38 -3.95 13.29
C TYR F 173 -14.38 -5.09 14.30
N SER F 174 -14.16 -4.77 15.56
CA SER F 174 -14.25 -5.76 16.60
C SER F 174 -15.10 -5.14 17.67
N MET F 175 -15.83 -5.97 18.40
CA MET F 175 -16.74 -5.46 19.43
C MET F 175 -16.47 -6.16 20.75
N SER F 176 -16.64 -5.41 21.83
CA SER F 176 -16.49 -5.93 23.16
C SER F 176 -17.80 -5.68 23.87
N SER F 177 -18.36 -6.72 24.47
CA SER F 177 -19.59 -6.59 25.20
C SER F 177 -19.39 -7.09 26.61
N THR F 178 -19.76 -6.28 27.59
CA THR F 178 -19.69 -6.71 28.99
C THR F 178 -21.09 -6.82 29.57
N LEU F 179 -21.20 -7.68 30.58
CA LEU F 179 -22.42 -7.87 31.35
C LEU F 179 -22.02 -7.73 32.81
N SER F 180 -22.32 -6.59 33.41
CA SER F 180 -21.81 -6.25 34.75
C SER F 180 -22.86 -6.55 35.79
N LEU F 181 -22.42 -7.20 36.86
CA LEU F 181 -23.27 -8.04 37.68
C LEU F 181 -22.55 -8.18 39.00
N THR F 182 -23.28 -8.22 40.12
CA THR F 182 -22.62 -8.44 41.41
C THR F 182 -22.29 -9.91 41.57
N LYS F 183 -21.28 -10.21 42.38
CA LYS F 183 -20.94 -11.59 42.74
C LYS F 183 -22.22 -12.37 43.04
N VAL F 184 -23.08 -11.81 43.89
CA VAL F 184 -24.20 -12.54 44.44
C VAL F 184 -25.28 -12.79 43.38
N ASP F 185 -25.60 -11.83 42.51
CA ASP F 185 -26.57 -12.12 41.42
C ASP F 185 -25.91 -13.00 40.37
N TYR F 186 -24.61 -12.85 40.17
CA TYR F 186 -23.89 -13.80 39.30
C TYR F 186 -24.10 -15.25 39.72
N GLU F 187 -24.04 -15.53 41.02
CA GLU F 187 -24.05 -16.91 41.49
C GLU F 187 -25.43 -17.54 41.64
N ARG F 188 -26.49 -16.76 41.48
CA ARG F 188 -27.82 -17.33 41.49
C ARG F 188 -28.12 -18.10 40.20
N HIS F 189 -27.35 -17.81 39.15
CA HIS F 189 -27.56 -18.44 37.85
C HIS F 189 -26.28 -19.11 37.38
N ASN F 190 -26.43 -20.11 36.52
CA ASN F 190 -25.32 -20.97 36.10
C ASN F 190 -24.97 -20.86 34.62
N LEU F 191 -25.97 -20.78 33.75
CA LEU F 191 -25.75 -20.76 32.29
C LEU F 191 -25.72 -19.34 31.75
N TYR F 192 -24.57 -18.94 31.21
CA TYR F 192 -24.40 -17.62 30.62
C TYR F 192 -24.08 -17.72 29.12
N THR F 193 -24.87 -17.06 28.30
CA THR F 193 -24.76 -17.19 26.85
C THR F 193 -24.45 -15.84 26.18
N CYS F 194 -23.51 -15.86 25.23
CA CYS F 194 -23.26 -14.72 24.36
C CYS F 194 -23.70 -15.09 22.93
N GLU F 195 -24.74 -14.41 22.44
CA GLU F 195 -25.41 -14.81 21.17
C GLU F 195 -25.31 -13.72 20.08
N VAL F 196 -24.51 -14.00 19.05
CA VAL F 196 -24.26 -13.00 18.00
C VAL F 196 -25.01 -13.32 16.72
N VAL F 197 -25.52 -12.29 16.07
CA VAL F 197 -26.05 -12.44 14.72
C VAL F 197 -25.55 -11.29 13.85
N HIS F 198 -25.19 -11.63 12.61
CA HIS F 198 -24.46 -10.74 11.70
C HIS F 198 -24.94 -10.95 10.23
N LYS F 199 -24.46 -10.16 9.26
CA LYS F 199 -24.80 -10.43 7.85
C LYS F 199 -24.28 -11.80 7.40
N THR F 200 -23.06 -12.14 7.81
CA THR F 200 -22.37 -13.35 7.34
C THR F 200 -22.96 -14.63 7.91
N SER F 201 -23.78 -14.47 8.95
CA SER F 201 -24.21 -15.58 9.78
C SER F 201 -25.53 -16.19 9.31
N SER F 202 -25.47 -17.44 8.86
CA SER F 202 -26.68 -18.20 8.52
C SER F 202 -27.48 -18.62 9.75
N SER F 203 -26.79 -18.82 10.86
CA SER F 203 -27.39 -19.23 12.12
C SER F 203 -26.76 -18.37 13.19
N PRO F 204 -27.49 -18.10 14.29
CA PRO F 204 -26.89 -17.39 15.43
C PRO F 204 -25.63 -18.06 15.92
N VAL F 205 -24.57 -17.28 16.12
CA VAL F 205 -23.34 -17.79 16.71
C VAL F 205 -23.43 -17.66 18.23
N VAL F 206 -23.22 -18.79 18.92
CA VAL F 206 -23.46 -18.86 20.37
C VAL F 206 -22.29 -19.50 21.14
N LYS F 207 -21.72 -18.76 22.07
CA LYS F 207 -20.67 -19.27 22.93
C LYS F 207 -21.19 -19.12 24.33
N SER F 208 -20.92 -20.12 25.18
CA SER F 208 -21.50 -20.15 26.50
C SER F 208 -20.58 -20.83 27.49
N PHE F 209 -20.88 -20.63 28.75
CA PHE F 209 -20.22 -21.38 29.81
C PHE F 209 -21.22 -21.67 30.92
N ASN F 210 -21.11 -22.85 31.51
CA ASN F 210 -21.83 -23.17 32.73
C ASN F 210 -20.92 -22.83 33.89
N ARG F 211 -21.50 -22.19 34.90
CA ARG F 211 -20.80 -21.85 36.13
C ARG F 211 -20.65 -23.10 37.02
#